data_3NUH
#
_entry.id   3NUH
#
_cell.length_a   108.062
_cell.length_b   147.493
_cell.length_c   138.870
_cell.angle_alpha   90.000
_cell.angle_beta   90.000
_cell.angle_gamma   90.000
#
_symmetry.space_group_name_H-M   'C 2 2 21'
#
loop_
_entity.id
_entity.type
_entity.pdbx_description
1 polymer 'DNA gyrase subunit A'
2 polymer 'DNA gyrase subunit B'
3 non-polymer 'MAGNESIUM ION'
4 water water
#
loop_
_entity_poly.entity_id
_entity_poly.type
_entity_poly.pdbx_seq_one_letter_code
_entity_poly.pdbx_strand_id
1 'polypeptide(L)'
;(MSE)SDLAREITPVNIEEELKSSYLDYA(MSE)SVIVGRALPDVRDGLKPVHRRVLYA(MSE)NVLGNDWNKAYKKSAR
VVGDVIGKYHPHGDSAVYDTIVR(MSE)AQPFSLRY(MSE)LVDGQGNFGSIDGDSAAA(MSE)RYTEIRLAKIAHEL
(MSE)ADLEKETVDFVDNYDGTEKIPDV(MSE)PTKIPNLLVNGSSGIAVG(MSE)ATNIPPHNLTEVINGCLAYIDDED
ISIEGL(MSE)EHIPGPDFPTAAIINGRRGIEEAYRTGRGKVYIRARAEVEVDAKTGRETIIVHEIPYQVNKARLIEKIA
ELVKEKRVEGISALRDESDKDG(MSE)RIVIEVKRDAVGEVVLNNLYSQTQLQVSFGIN(MSE)VALHHGQPKI(MSE)N
LKDIIAAFVRHRREVVTRRTIFELRKARDRAHILEALAVALANIDPIIELIRHAPTPAEAKTALVANPWQLGNVAA
(MSE)LERAGDDAARPEWLEPEFGVRDGLYYLTEQQAQAILDLRLQKLTGLEHEKLLDEYKELLDQIAELLRILGSADRL
(MSE)EVIREELELVREQFGDKRRTEITANS
;
A
2 'polypeptide(L)'
;SNAARE(MSE)TRRKGALDLAGLPGKLADCQERDPALSELYLVEGDSAGGSAKQGRNRKNQAILPLKGKILNVEKARFDK
(MSE)LSSQEVATLITALGCGIGRDEYNPDKLRYHSIII(MSE)TDADVDGSHIRTLLLTFFYRQ(MSE)PEIVERGHVY
IAQPPLYKVKKGKQEQYIKDDEA(MSE)DQYQISIALDGATLHTNASAPALAGEALEKLVSEYNATQK(MSE)INR
(MSE)ERRYPKA(MSE)LKELIYQPTLTEADLSDEQTVTRWVNALVSELNDKEQHGSQWKFDVHTNAEQNLFEPIVRVRT
HGVDTDYPLDHEFITGGEYRRICTLGEKLRGLLEEDAFIERGERRQPVASFEQALDWLVKESRRGLSIQRYKGLGE
(MSE)NPEQLWETT(MSE)DPESRR(MSE)LRVTVKDAIAADQLFTTL(MSE)GDAVEPRRAFIEENALKAANIDI
;
B
#
# COMPACT_ATOMS: atom_id res chain seq x y z
N SER A 19 -18.12 -2.89 -9.87
CA SER A 19 -18.83 -4.05 -9.36
C SER A 19 -19.90 -3.64 -8.36
N SER A 20 -20.50 -4.62 -7.69
CA SER A 20 -21.54 -4.35 -6.70
C SER A 20 -20.91 -3.74 -5.45
N TYR A 21 -21.71 -2.97 -4.72
CA TYR A 21 -21.24 -2.33 -3.49
C TYR A 21 -20.80 -3.37 -2.46
N LEU A 22 -21.33 -4.59 -2.59
CA LEU A 22 -20.99 -5.65 -1.66
C LEU A 22 -19.59 -6.20 -1.93
N ASP A 23 -19.24 -6.33 -3.21
CA ASP A 23 -17.92 -6.83 -3.57
C ASP A 23 -16.80 -5.86 -3.14
N TYR A 24 -17.11 -4.57 -3.11
CA TYR A 24 -16.17 -3.58 -2.64
C TYR A 24 -16.03 -3.62 -1.12
N ALA A 25 -17.17 -3.63 -0.44
CA ALA A 25 -17.20 -3.66 1.02
C ALA A 25 -16.48 -4.90 1.54
N SER A 27 -14.04 -6.28 -0.20
CA SER A 27 -12.67 -6.11 -0.64
C SER A 27 -11.87 -5.19 0.28
N VAL A 28 -12.57 -4.40 1.09
CA VAL A 28 -11.90 -3.50 2.02
C VAL A 28 -11.75 -4.15 3.40
N ILE A 29 -12.75 -4.92 3.79
CA ILE A 29 -12.69 -5.67 5.04
C ILE A 29 -11.56 -6.69 4.98
N VAL A 30 -11.29 -7.19 3.78
CA VAL A 30 -10.21 -8.16 3.57
C VAL A 30 -8.87 -7.44 3.45
N GLY A 31 -8.91 -6.15 3.14
CA GLY A 31 -7.70 -5.36 3.03
C GLY A 31 -7.05 -5.08 4.38
N ARG A 32 -7.88 -5.03 5.42
CA ARG A 32 -7.39 -4.79 6.76
C ARG A 32 -6.98 -6.09 7.44
N ALA A 33 -7.71 -7.16 7.11
CA ALA A 33 -7.56 -8.44 7.81
C ALA A 33 -6.32 -9.23 7.38
N LEU A 34 -5.98 -9.16 6.10
CA LEU A 34 -4.86 -9.94 5.57
C LEU A 34 -3.57 -9.14 5.54
N PRO A 35 -2.43 -9.85 5.61
CA PRO A 35 -1.11 -9.21 5.57
C PRO A 35 -0.63 -9.14 4.14
N ASP A 36 0.51 -8.50 3.92
CA ASP A 36 1.09 -8.45 2.59
C ASP A 36 2.26 -9.41 2.51
N VAL A 37 2.16 -10.40 1.63
CA VAL A 37 3.18 -11.44 1.51
C VAL A 37 4.60 -10.90 1.50
N ARG A 38 4.77 -9.67 1.02
CA ARG A 38 6.09 -9.10 0.86
C ARG A 38 6.77 -8.69 2.18
N ASP A 39 5.99 -8.18 3.14
CA ASP A 39 6.56 -7.79 4.42
C ASP A 39 5.69 -8.23 5.61
N GLY A 40 4.70 -9.06 5.34
CA GLY A 40 3.85 -9.64 6.38
C GLY A 40 3.21 -8.62 7.31
N LEU A 41 3.15 -7.38 6.86
CA LEU A 41 2.61 -6.29 7.68
C LEU A 41 1.21 -5.88 7.23
N LYS A 42 0.37 -5.53 8.19
CA LYS A 42 -0.93 -4.95 7.90
C LYS A 42 -0.78 -3.43 7.96
N PRO A 43 -1.74 -2.70 7.36
CA PRO A 43 -1.69 -1.23 7.38
C PRO A 43 -1.32 -0.65 8.74
N VAL A 44 -1.89 -1.18 9.81
CA VAL A 44 -1.63 -0.66 11.16
C VAL A 44 -0.16 -0.74 11.53
N HIS A 45 0.43 -1.93 11.36
CA HIS A 45 1.83 -2.15 11.69
C HIS A 45 2.75 -1.27 10.86
N ARG A 46 2.48 -1.19 9.56
CA ARG A 46 3.33 -0.45 8.64
C ARG A 46 3.30 1.04 8.94
N ARG A 47 2.15 1.54 9.40
CA ARG A 47 2.02 2.94 9.77
C ARG A 47 2.77 3.22 11.07
N VAL A 48 2.51 2.41 12.09
CA VAL A 48 3.18 2.54 13.38
C VAL A 48 4.71 2.51 13.22
N LEU A 49 5.21 1.59 12.41
CA LEU A 49 6.65 1.45 12.20
C LEU A 49 7.23 2.63 11.43
N TYR A 50 6.52 3.07 10.40
CA TYR A 50 6.98 4.19 9.59
C TYR A 50 6.99 5.48 10.40
N ALA A 51 6.02 5.60 11.31
CA ALA A 51 5.95 6.75 12.20
C ALA A 51 7.19 6.81 13.09
N ASN A 53 10.14 5.58 12.39
CA ASN A 53 11.28 5.89 11.54
C ASN A 53 11.39 7.38 11.23
N VAL A 54 10.25 7.99 10.92
CA VAL A 54 10.22 9.43 10.67
C VAL A 54 10.63 10.19 11.92
N LEU A 55 10.19 9.70 13.08
CA LEU A 55 10.50 10.33 14.36
C LEU A 55 12.00 10.32 14.64
N GLY A 56 12.70 9.38 14.04
CA GLY A 56 14.11 9.18 14.35
C GLY A 56 14.24 8.37 15.62
N ASN A 57 13.27 7.48 15.83
CA ASN A 57 13.22 6.65 17.02
C ASN A 57 14.01 5.36 16.76
N ASP A 58 15.31 5.51 16.56
CA ASP A 58 16.17 4.41 16.16
C ASP A 58 16.60 3.55 17.34
N TRP A 59 17.25 2.43 17.03
CA TRP A 59 17.76 1.51 18.05
C TRP A 59 18.94 2.12 18.79
N ASN A 60 19.64 3.03 18.12
CA ASN A 60 20.84 3.64 18.69
C ASN A 60 20.61 5.02 19.29
N LYS A 61 19.34 5.42 19.40
CA LYS A 61 18.99 6.68 20.04
C LYS A 61 18.23 6.41 21.33
N ALA A 62 18.14 7.43 22.18
CA ALA A 62 17.49 7.27 23.48
C ALA A 62 16.06 6.74 23.33
N TYR A 63 15.53 6.11 24.38
CA TYR A 63 14.16 5.63 24.38
C TYR A 63 13.16 6.78 24.39
N LYS A 64 12.04 6.60 23.69
CA LYS A 64 10.97 7.58 23.69
C LYS A 64 9.69 7.00 24.27
N LYS A 65 8.96 7.80 25.05
CA LYS A 65 7.70 7.35 25.63
C LYS A 65 6.73 6.87 24.55
N SER A 66 5.98 5.82 24.87
CA SER A 66 5.02 5.26 23.92
C SER A 66 3.98 6.29 23.48
N ALA A 67 3.58 7.14 24.41
CA ALA A 67 2.60 8.18 24.12
C ALA A 67 3.06 9.08 22.98
N ARG A 68 4.38 9.32 22.93
CA ARG A 68 4.96 10.15 21.88
C ARG A 68 4.72 9.57 20.49
N VAL A 69 4.86 8.24 20.37
CA VAL A 69 4.67 7.56 19.10
C VAL A 69 3.18 7.39 18.78
N VAL A 70 2.42 6.94 19.77
CA VAL A 70 0.98 6.76 19.64
C VAL A 70 0.28 8.00 19.11
N GLY A 71 0.69 9.17 19.61
CA GLY A 71 0.15 10.43 19.15
C GLY A 71 0.51 10.74 17.71
N ASP A 72 1.79 10.58 17.40
CA ASP A 72 2.29 10.79 16.04
C ASP A 72 1.52 9.94 15.04
N VAL A 73 1.27 8.70 15.41
CA VAL A 73 0.50 7.78 14.57
C VAL A 73 -0.94 8.26 14.42
N ILE A 74 -1.60 8.48 15.55
CA ILE A 74 -2.96 8.98 15.57
C ILE A 74 -3.10 10.29 14.80
N GLY A 75 -2.09 11.14 14.92
CA GLY A 75 -2.13 12.44 14.29
C GLY A 75 -2.03 12.39 12.78
N LYS A 76 -1.20 11.51 12.25
CA LYS A 76 -0.85 11.58 10.84
C LYS A 76 -1.23 10.39 9.97
N TYR A 77 -1.28 9.19 10.54
CA TYR A 77 -1.40 7.99 9.71
C TYR A 77 -2.62 7.10 9.99
N HIS A 78 -3.00 6.97 11.27
CA HIS A 78 -4.04 6.02 11.63
C HIS A 78 -4.85 6.53 12.81
N PRO A 79 -5.71 7.54 12.58
CA PRO A 79 -6.48 8.18 13.64
C PRO A 79 -7.73 7.40 14.02
N HIS A 80 -7.54 6.23 14.63
CA HIS A 80 -8.66 5.38 15.02
C HIS A 80 -8.50 4.78 16.42
N GLY A 81 -8.40 5.64 17.44
CA GLY A 81 -8.31 5.18 18.81
C GLY A 81 -6.88 5.03 19.30
N ASP A 82 -6.57 5.68 20.43
CA ASP A 82 -5.23 5.61 21.01
C ASP A 82 -4.94 4.23 21.61
N SER A 83 -5.93 3.65 22.26
CA SER A 83 -5.76 2.35 22.90
C SER A 83 -5.60 1.22 21.87
N ALA A 84 -6.03 1.48 20.64
CA ALA A 84 -5.87 0.51 19.57
C ALA A 84 -4.44 0.55 19.04
N VAL A 85 -3.95 1.75 18.76
CA VAL A 85 -2.60 1.94 18.26
C VAL A 85 -1.55 1.46 19.25
N TYR A 86 -1.81 1.68 20.54
CA TYR A 86 -0.87 1.28 21.58
C TYR A 86 -0.76 -0.24 21.65
N ASP A 87 -1.91 -0.91 21.71
CA ASP A 87 -1.94 -2.37 21.73
C ASP A 87 -1.07 -2.94 20.61
N THR A 88 -1.11 -2.27 19.46
CA THR A 88 -0.33 -2.71 18.30
C THR A 88 1.15 -2.64 18.61
N ILE A 89 1.58 -1.55 19.23
CA ILE A 89 2.98 -1.37 19.62
C ILE A 89 3.36 -2.35 20.71
N VAL A 90 2.43 -2.59 21.64
CA VAL A 90 2.64 -3.55 22.71
C VAL A 90 2.98 -4.92 22.15
N ARG A 91 2.09 -5.45 21.33
CA ARG A 91 2.27 -6.79 20.78
C ARG A 91 3.58 -6.90 20.00
N ALA A 93 6.22 -5.68 20.85
CA ALA A 93 7.28 -5.55 21.83
C ALA A 93 7.45 -6.81 22.65
N GLN A 94 6.35 -7.54 22.83
CA GLN A 94 6.32 -8.73 23.67
C GLN A 94 7.12 -9.88 23.07
N PRO A 95 7.91 -10.57 23.91
CA PRO A 95 8.73 -11.71 23.48
C PRO A 95 7.91 -12.97 23.25
N PHE A 96 6.74 -13.05 23.89
CA PHE A 96 5.91 -14.25 23.81
C PHE A 96 4.94 -14.25 22.62
N SER A 97 4.73 -13.09 22.02
CA SER A 97 3.80 -12.98 20.90
C SER A 97 4.52 -12.88 19.55
N LEU A 98 5.71 -12.28 19.55
CA LEU A 98 6.51 -12.22 18.34
C LEU A 98 7.81 -12.99 18.49
N ARG A 99 8.09 -13.84 17.50
CA ARG A 99 9.30 -14.65 17.48
C ARG A 99 10.54 -13.77 17.25
N TYR A 100 10.36 -12.68 16.51
CA TYR A 100 11.41 -11.68 16.34
C TYR A 100 10.82 -10.29 16.48
N LEU A 102 9.89 -6.54 16.57
CA LEU A 102 10.20 -5.38 15.73
C LEU A 102 10.31 -4.12 16.57
N VAL A 103 9.84 -4.18 17.81
CA VAL A 103 9.90 -3.04 18.71
C VAL A 103 10.72 -3.33 19.97
N ASP A 104 11.69 -2.48 20.24
CA ASP A 104 12.46 -2.54 21.47
C ASP A 104 11.73 -1.75 22.56
N GLY A 105 11.36 -2.42 23.65
CA GLY A 105 10.57 -1.78 24.69
C GLY A 105 11.13 -1.92 26.09
N GLN A 106 11.12 -0.83 26.85
CA GLN A 106 11.54 -0.84 28.25
C GLN A 106 10.38 -0.46 29.16
N GLY A 107 10.05 -1.34 30.10
CA GLY A 107 8.94 -1.13 31.02
C GLY A 107 8.01 -2.33 31.05
N ASN A 108 6.89 -2.20 31.73
CA ASN A 108 5.91 -3.28 31.81
C ASN A 108 5.06 -3.38 30.55
N PHE A 109 5.24 -4.45 29.79
CA PHE A 109 4.51 -4.63 28.54
C PHE A 109 3.58 -5.84 28.56
N GLY A 110 3.02 -6.15 29.72
CA GLY A 110 2.07 -7.24 29.84
C GLY A 110 2.73 -8.62 29.86
N SER A 111 1.99 -9.62 30.36
CA SER A 111 2.55 -10.95 30.53
C SER A 111 1.79 -12.02 29.74
N ILE A 112 2.39 -13.20 29.66
CA ILE A 112 1.76 -14.34 29.00
C ILE A 112 0.43 -14.67 29.70
N ASP A 113 0.30 -14.24 30.94
CA ASP A 113 -0.91 -14.47 31.73
C ASP A 113 -2.08 -13.64 31.22
N GLY A 114 -1.77 -12.56 30.52
CA GLY A 114 -2.79 -11.66 30.04
C GLY A 114 -2.82 -10.36 30.83
N ASP A 115 -1.86 -10.20 31.73
CA ASP A 115 -1.72 -8.93 32.44
C ASP A 115 -1.46 -7.84 31.40
N SER A 116 -2.17 -6.73 31.52
CA SER A 116 -2.04 -5.63 30.56
C SER A 116 -0.67 -4.97 30.64
N ALA A 117 -0.35 -4.16 29.65
CA ALA A 117 0.88 -3.38 29.65
C ALA A 117 0.65 -2.08 30.39
N ALA A 118 1.73 -1.44 30.85
CA ALA A 118 1.60 -0.18 31.59
C ALA A 118 1.14 0.94 30.69
N ALA A 119 0.70 2.04 31.30
CA ALA A 119 0.23 3.20 30.56
C ALA A 119 1.25 3.64 29.53
N ARG A 121 2.26 6.45 28.76
CA ARG A 121 3.09 7.57 29.20
C ARG A 121 4.27 7.09 30.05
N TYR A 122 4.20 5.85 30.51
CA TYR A 122 5.27 5.29 31.32
C TYR A 122 6.22 4.41 30.51
N THR A 123 5.67 3.58 29.64
CA THR A 123 6.49 2.67 28.84
C THR A 123 7.35 3.42 27.83
N GLU A 124 8.51 2.85 27.50
CA GLU A 124 9.45 3.47 26.57
C GLU A 124 9.76 2.52 25.42
N ILE A 125 9.97 3.06 24.23
CA ILE A 125 10.17 2.23 23.04
C ILE A 125 11.05 2.89 21.99
N ARG A 126 11.73 2.04 21.21
CA ARG A 126 12.46 2.46 20.02
C ARG A 126 12.51 1.27 19.06
N LEU A 127 12.88 1.54 17.81
CA LEU A 127 12.95 0.48 16.80
C LEU A 127 14.01 -0.55 17.16
N ALA A 128 13.70 -1.81 16.95
CA ALA A 128 14.68 -2.88 17.11
C ALA A 128 15.67 -2.85 15.94
N LYS A 129 16.86 -3.37 16.15
CA LYS A 129 17.86 -3.44 15.08
C LYS A 129 17.30 -4.11 13.84
N ILE A 130 16.44 -5.10 14.04
CA ILE A 130 15.89 -5.88 12.94
C ILE A 130 14.87 -5.08 12.13
N ALA A 131 14.20 -4.13 12.79
CA ALA A 131 13.18 -3.31 12.14
C ALA A 131 13.80 -2.33 11.14
N HIS A 132 15.00 -1.86 11.45
CA HIS A 132 15.72 -0.99 10.53
C HIS A 132 16.04 -1.71 9.23
N GLU A 133 16.07 -3.04 9.28
CA GLU A 133 16.29 -3.84 8.09
C GLU A 133 14.99 -4.00 7.30
N LEU A 134 13.88 -4.15 8.05
CA LEU A 134 12.56 -4.20 7.44
C LEU A 134 12.33 -2.96 6.59
N ALA A 136 14.81 -0.99 5.42
CA ALA A 136 16.10 -0.63 4.84
C ALA A 136 15.89 -0.15 3.41
N ASP A 137 16.48 0.99 3.08
CA ASP A 137 16.35 1.57 1.74
C ASP A 137 14.92 2.03 1.50
N LEU A 138 14.34 2.69 2.49
CA LEU A 138 12.99 3.22 2.38
C LEU A 138 12.99 4.64 1.81
N GLU A 139 14.11 5.32 1.98
CA GLU A 139 14.24 6.72 1.56
C GLU A 139 14.50 6.83 0.07
N LYS A 140 15.02 5.76 -0.53
CA LYS A 140 15.46 5.79 -1.92
C LYS A 140 14.45 5.41 -3.01
N GLU A 141 13.17 5.63 -2.72
CA GLU A 141 12.12 5.44 -3.71
C GLU A 141 12.11 3.98 -4.16
N THR A 142 12.07 3.07 -3.20
CA THR A 142 12.09 1.64 -3.51
C THR A 142 10.71 1.00 -3.34
N VAL A 143 9.77 1.79 -2.84
CA VAL A 143 8.39 1.32 -2.64
C VAL A 143 7.39 2.43 -2.99
N ASP A 144 6.19 2.02 -3.36
CA ASP A 144 5.14 2.98 -3.72
C ASP A 144 4.53 3.63 -2.47
N PHE A 145 4.09 4.87 -2.62
CA PHE A 145 3.51 5.62 -1.51
C PHE A 145 2.02 5.95 -1.70
N VAL A 146 1.26 5.82 -0.62
CA VAL A 146 -0.16 6.11 -0.63
C VAL A 146 -0.46 7.32 0.26
N ASP A 147 -1.61 7.94 0.05
CA ASP A 147 -2.02 9.08 0.86
C ASP A 147 -2.54 8.65 2.23
N ASN A 148 -2.47 9.56 3.20
CA ASN A 148 -3.09 9.33 4.50
C ASN A 148 -4.54 9.79 4.49
N TYR A 149 -5.21 9.62 5.62
CA TYR A 149 -6.64 9.90 5.70
C TYR A 149 -7.00 11.29 5.18
N ASP A 150 -6.22 12.30 5.54
CA ASP A 150 -6.52 13.67 5.16
C ASP A 150 -5.85 14.10 3.85
N GLY A 151 -4.82 13.37 3.45
CA GLY A 151 -4.11 13.65 2.20
C GLY A 151 -2.96 14.62 2.36
N THR A 152 -2.48 14.81 3.59
CA THR A 152 -1.35 15.70 3.85
C THR A 152 -0.05 14.93 4.01
N GLU A 153 -0.15 13.62 4.20
CA GLU A 153 1.03 12.78 4.42
C GLU A 153 1.02 11.56 3.49
N LYS A 154 2.20 11.02 3.24
CA LYS A 154 2.35 9.83 2.39
C LYS A 154 2.88 8.64 3.18
N ILE A 155 2.28 7.48 2.99
CA ILE A 155 2.73 6.24 3.64
C ILE A 155 3.11 5.19 2.60
N PRO A 156 4.19 4.44 2.86
CA PRO A 156 4.60 3.31 2.02
C PRO A 156 3.49 2.27 1.83
N ASP A 157 3.29 1.84 0.59
CA ASP A 157 2.33 0.79 0.29
C ASP A 157 2.85 -0.54 0.82
N VAL A 158 4.18 -0.65 0.89
CA VAL A 158 4.85 -1.79 1.53
C VAL A 158 6.25 -1.41 1.99
N PRO A 160 10.30 -2.01 2.17
CA PRO A 160 11.39 -2.60 1.39
C PRO A 160 12.21 -3.56 2.24
N THR A 161 11.58 -4.65 2.66
CA THR A 161 12.13 -5.49 3.72
C THR A 161 13.21 -6.47 3.27
N LYS A 162 14.21 -6.68 4.13
CA LYS A 162 15.25 -7.68 3.91
C LYS A 162 14.94 -8.97 4.66
N ILE A 163 13.84 -8.96 5.40
CA ILE A 163 13.43 -10.10 6.20
C ILE A 163 12.08 -10.62 5.72
N PRO A 164 11.96 -11.94 5.58
CA PRO A 164 10.71 -12.54 5.16
C PRO A 164 9.83 -12.68 6.40
N ASN A 165 9.23 -11.56 6.79
CA ASN A 165 8.47 -11.46 8.02
C ASN A 165 7.25 -12.37 8.04
N LEU A 166 6.55 -12.46 6.93
CA LEU A 166 5.32 -13.26 6.93
C LEU A 166 5.58 -14.70 7.35
N LEU A 167 6.78 -15.18 7.05
CA LEU A 167 7.19 -16.52 7.44
C LEU A 167 7.81 -16.48 8.83
N VAL A 168 8.78 -15.59 9.00
CA VAL A 168 9.47 -15.41 10.27
C VAL A 168 8.55 -15.16 11.46
N ASN A 169 7.74 -14.10 11.39
CA ASN A 169 6.85 -13.75 12.49
C ASN A 169 5.39 -14.18 12.31
N GLY A 170 4.99 -14.40 11.06
CA GLY A 170 3.69 -14.97 10.78
C GLY A 170 2.55 -13.96 10.71
N SER A 171 1.35 -14.41 11.06
CA SER A 171 0.18 -13.56 11.01
C SER A 171 -1.03 -14.26 11.60
N SER A 172 -2.11 -13.50 11.80
CA SER A 172 -3.38 -14.04 12.28
C SER A 172 -4.54 -13.29 11.65
N GLY A 173 -5.61 -14.03 11.32
CA GLY A 173 -6.79 -13.44 10.71
C GLY A 173 -8.00 -13.51 11.62
N ILE A 174 -8.66 -12.37 11.78
CA ILE A 174 -9.85 -12.29 12.63
C ILE A 174 -11.12 -12.58 11.83
N ALA A 179 -10.15 -15.94 6.53
CA ALA A 179 -9.17 -15.68 7.58
C ALA A 179 -7.85 -16.40 7.30
N THR A 180 -6.80 -15.99 7.99
CA THR A 180 -5.48 -16.55 7.77
C THR A 180 -4.78 -16.87 9.10
N ASN A 181 -4.00 -17.95 9.10
CA ASN A 181 -3.23 -18.32 10.28
C ASN A 181 -1.86 -18.86 9.89
N ILE A 182 -0.85 -18.00 9.95
CA ILE A 182 0.51 -18.38 9.59
C ILE A 182 1.40 -18.36 10.84
N PRO A 183 2.11 -19.48 11.10
CA PRO A 183 2.99 -19.60 12.27
C PRO A 183 4.32 -18.92 12.02
N PRO A 184 5.00 -18.47 13.08
CA PRO A 184 6.34 -17.90 12.95
C PRO A 184 7.32 -18.97 12.50
N HIS A 185 8.46 -18.56 11.96
CA HIS A 185 9.49 -19.48 11.53
C HIS A 185 10.86 -18.94 11.91
N ASN A 186 11.82 -19.85 12.12
CA ASN A 186 13.19 -19.45 12.39
C ASN A 186 13.78 -18.70 11.21
N LEU A 187 14.42 -17.56 11.48
CA LEU A 187 14.99 -16.74 10.43
C LEU A 187 16.11 -17.46 9.69
N THR A 188 16.96 -18.16 10.44
CA THR A 188 18.09 -18.88 9.88
C THR A 188 17.64 -19.92 8.85
N GLU A 189 16.68 -20.77 9.25
CA GLU A 189 16.11 -21.75 8.35
C GLU A 189 15.57 -21.09 7.09
N VAL A 190 14.72 -20.07 7.27
CA VAL A 190 14.05 -19.41 6.16
C VAL A 190 15.03 -18.72 5.21
N ILE A 191 16.03 -18.05 5.74
CA ILE A 191 17.05 -17.44 4.90
C ILE A 191 17.70 -18.50 4.01
N ASN A 192 17.98 -19.66 4.60
CA ASN A 192 18.48 -20.80 3.84
C ASN A 192 17.53 -21.13 2.69
N GLY A 193 16.32 -21.58 3.05
CA GLY A 193 15.30 -21.89 2.07
C GLY A 193 15.19 -20.87 0.97
N CYS A 194 15.36 -19.59 1.31
CA CYS A 194 15.34 -18.53 0.30
C CYS A 194 16.54 -18.65 -0.63
N LEU A 195 17.71 -18.87 -0.04
CA LEU A 195 18.93 -19.04 -0.81
C LEU A 195 18.86 -20.30 -1.69
N ALA A 196 18.14 -21.30 -1.21
CA ALA A 196 17.95 -22.54 -1.96
C ALA A 196 17.06 -22.29 -3.17
N TYR A 197 16.04 -21.44 -3.00
CA TYR A 197 15.18 -21.07 -4.11
C TYR A 197 15.92 -20.22 -5.13
N ILE A 198 16.97 -19.55 -4.67
CA ILE A 198 17.77 -18.68 -5.54
C ILE A 198 18.69 -19.49 -6.46
N ASP A 199 19.23 -20.59 -5.96
CA ASP A 199 20.08 -21.45 -6.78
C ASP A 199 19.28 -22.26 -7.81
N ASP A 200 18.15 -22.81 -7.37
CA ASP A 200 17.25 -23.52 -8.29
C ASP A 200 15.81 -23.08 -8.11
N GLU A 201 15.30 -22.37 -9.10
CA GLU A 201 13.94 -21.84 -9.06
C GLU A 201 12.91 -22.97 -9.03
N ASP A 202 13.32 -24.18 -9.40
CA ASP A 202 12.39 -25.29 -9.55
C ASP A 202 12.34 -26.25 -8.35
N ILE A 203 13.12 -25.95 -7.32
CA ILE A 203 13.19 -26.81 -6.13
C ILE A 203 11.80 -27.19 -5.62
N SER A 204 11.67 -28.38 -5.05
CA SER A 204 10.38 -28.87 -4.58
C SER A 204 10.12 -28.45 -3.15
N ILE A 205 8.88 -28.66 -2.69
CA ILE A 205 8.51 -28.36 -1.31
C ILE A 205 9.30 -29.21 -0.33
N GLU A 206 9.75 -30.38 -0.79
CA GLU A 206 10.57 -31.26 0.04
C GLU A 206 12.02 -30.82 0.02
N GLY A 207 12.41 -30.09 -1.03
CA GLY A 207 13.75 -29.54 -1.13
C GLY A 207 13.88 -28.35 -0.21
N LEU A 208 12.77 -27.63 -0.04
CA LEU A 208 12.70 -26.49 0.86
C LEU A 208 12.68 -26.98 2.30
N GLU A 210 14.08 -29.08 3.61
CA GLU A 210 15.42 -29.50 4.03
C GLU A 210 16.07 -28.40 4.85
N HIS A 211 15.55 -27.19 4.70
CA HIS A 211 16.04 -26.03 5.44
C HIS A 211 14.97 -25.58 6.42
N ILE A 212 13.72 -25.66 5.97
CA ILE A 212 12.57 -25.27 6.78
C ILE A 212 11.78 -26.50 7.19
N PRO A 213 12.19 -27.16 8.28
CA PRO A 213 11.52 -28.35 8.79
C PRO A 213 10.11 -28.03 9.25
N GLY A 214 9.92 -26.89 9.89
CA GLY A 214 8.62 -26.47 10.36
C GLY A 214 8.62 -25.10 11.02
N PRO A 215 7.51 -24.76 11.69
CA PRO A 215 7.36 -23.51 12.42
C PRO A 215 8.32 -23.44 13.60
N ASP A 216 8.64 -22.22 14.04
CA ASP A 216 9.50 -22.02 15.19
C ASP A 216 8.92 -20.92 16.07
N PHE A 217 8.04 -21.31 16.98
CA PHE A 217 7.34 -20.34 17.82
C PHE A 217 8.25 -19.65 18.83
N PRO A 218 7.96 -18.37 19.13
CA PRO A 218 8.69 -17.60 20.15
C PRO A 218 8.67 -18.37 21.45
N THR A 219 7.48 -18.71 21.91
CA THR A 219 7.31 -19.59 23.06
C THR A 219 7.59 -21.01 22.61
N ALA A 220 8.80 -21.49 22.87
CA ALA A 220 9.22 -22.83 22.46
C ALA A 220 8.30 -23.93 22.99
N ALA A 221 8.07 -24.95 22.18
CA ALA A 221 7.24 -26.09 22.57
C ALA A 221 7.52 -27.29 21.68
N ILE A 222 6.72 -28.34 21.85
CA ILE A 222 6.93 -29.56 21.09
C ILE A 222 5.86 -29.83 20.03
N ILE A 223 6.29 -29.94 18.78
CA ILE A 223 5.41 -30.29 17.67
C ILE A 223 5.47 -31.79 17.43
N ASN A 224 4.37 -32.49 17.66
CA ASN A 224 4.35 -33.95 17.60
C ASN A 224 4.19 -34.52 16.19
N GLY A 225 3.25 -33.97 15.42
CA GLY A 225 3.00 -34.46 14.08
C GLY A 225 3.78 -33.69 13.02
N ARG A 226 4.39 -34.41 12.09
CA ARG A 226 5.13 -33.79 11.00
C ARG A 226 4.35 -33.83 9.68
N ARG A 227 3.26 -34.58 9.65
CA ARG A 227 2.44 -34.67 8.45
C ARG A 227 1.68 -33.37 8.21
N GLY A 228 1.14 -32.80 9.28
CA GLY A 228 0.39 -31.57 9.19
C GLY A 228 1.19 -30.43 8.55
N ILE A 229 2.45 -30.32 8.93
CA ILE A 229 3.31 -29.25 8.41
C ILE A 229 3.68 -29.48 6.95
N GLU A 230 3.96 -30.73 6.58
CA GLU A 230 4.26 -31.07 5.20
C GLU A 230 3.04 -30.78 4.31
N GLU A 231 1.86 -31.09 4.85
CA GLU A 231 0.62 -30.86 4.12
C GLU A 231 0.36 -29.37 3.94
N ALA A 232 0.72 -28.58 4.94
CA ALA A 232 0.49 -27.14 4.92
C ALA A 232 1.46 -26.37 4.02
N TYR A 233 2.70 -26.83 3.98
CA TYR A 233 3.69 -26.22 3.09
C TYR A 233 3.39 -26.54 1.62
N ARG A 234 2.57 -27.56 1.40
CA ARG A 234 2.28 -28.03 0.07
C ARG A 234 0.98 -27.44 -0.49
N THR A 235 -0.06 -27.40 0.34
CA THR A 235 -1.37 -26.94 -0.09
C THR A 235 -1.76 -25.62 0.53
N GLY A 236 -0.86 -25.05 1.33
CA GLY A 236 -1.14 -23.81 2.02
C GLY A 236 -2.03 -24.00 3.24
N ARG A 237 -2.64 -25.17 3.34
CA ARG A 237 -3.54 -25.47 4.46
C ARG A 237 -3.21 -26.80 5.13
N GLY A 238 -3.37 -26.84 6.45
CA GLY A 238 -3.09 -28.04 7.23
C GLY A 238 -3.33 -27.84 8.71
N LYS A 239 -3.30 -28.93 9.46
CA LYS A 239 -3.53 -28.87 10.90
C LYS A 239 -2.40 -29.57 11.66
N VAL A 240 -1.69 -28.80 12.49
CA VAL A 240 -0.51 -29.30 13.18
C VAL A 240 -0.75 -29.40 14.69
N TYR A 241 0.02 -30.26 15.35
CA TYR A 241 -0.10 -30.48 16.79
C TYR A 241 1.00 -29.77 17.57
N ILE A 242 0.61 -29.08 18.64
CA ILE A 242 1.58 -28.45 19.54
C ILE A 242 1.31 -28.92 20.97
N ARG A 243 2.38 -29.28 21.67
CA ARG A 243 2.26 -29.83 23.02
C ARG A 243 3.22 -29.15 23.99
N ALA A 244 2.80 -29.03 25.25
CA ALA A 244 3.62 -28.41 26.28
C ALA A 244 4.79 -29.32 26.65
N ARG A 245 5.94 -28.72 26.94
CA ARG A 245 7.10 -29.47 27.39
C ARG A 245 7.06 -29.72 28.89
N ALA A 246 6.48 -30.85 29.28
CA ALA A 246 6.32 -31.18 30.70
C ALA A 246 7.19 -32.36 31.08
N GLU A 247 7.79 -32.26 32.26
CA GLU A 247 8.61 -33.35 32.79
C GLU A 247 8.12 -33.73 34.18
N VAL A 248 8.16 -35.02 34.48
CA VAL A 248 7.79 -35.50 35.79
C VAL A 248 9.01 -35.48 36.70
N GLU A 249 8.79 -35.13 37.96
CA GLU A 249 9.89 -34.94 38.89
C GLU A 249 9.61 -35.61 40.22
N VAL A 250 10.67 -36.10 40.86
CA VAL A 250 10.54 -36.77 42.14
C VAL A 250 11.07 -35.90 43.28
N ASP A 251 10.21 -35.66 44.28
CA ASP A 251 10.59 -34.83 45.42
C ASP A 251 9.78 -33.55 45.45
N ARG A 256 6.41 -35.64 46.81
CA ARG A 256 6.08 -36.89 46.16
C ARG A 256 6.40 -36.85 44.67
N GLU A 257 5.37 -36.73 43.84
CA GLU A 257 5.56 -36.59 42.40
C GLU A 257 4.98 -35.26 41.91
N THR A 258 5.71 -34.59 41.03
CA THR A 258 5.29 -33.28 40.54
C THR A 258 5.56 -33.09 39.05
N ILE A 259 4.61 -32.48 38.36
CA ILE A 259 4.77 -32.14 36.94
C ILE A 259 5.24 -30.70 36.79
N ILE A 260 6.24 -30.49 35.96
CA ILE A 260 6.80 -29.15 35.78
C ILE A 260 6.89 -28.74 34.30
N VAL A 261 6.14 -27.72 33.94
CA VAL A 261 6.08 -27.25 32.56
C VAL A 261 7.07 -26.12 32.30
N HIS A 262 8.01 -26.35 31.39
CA HIS A 262 9.03 -25.36 31.09
C HIS A 262 8.60 -24.42 29.97
N GLU A 263 7.82 -24.95 29.03
CA GLU A 263 7.30 -24.14 27.92
C GLU A 263 5.96 -24.64 27.44
N ILE A 264 5.08 -23.71 27.05
CA ILE A 264 3.74 -24.06 26.59
C ILE A 264 3.47 -23.63 25.15
N PRO A 265 2.42 -24.20 24.54
CA PRO A 265 2.02 -23.91 23.16
C PRO A 265 1.90 -22.41 22.87
N TYR A 266 2.27 -22.02 21.65
CA TYR A 266 2.15 -20.66 21.17
C TYR A 266 0.70 -20.17 21.19
N GLN A 267 0.50 -18.90 21.50
CA GLN A 267 -0.83 -18.32 21.61
C GLN A 267 -1.67 -18.98 22.70
N VAL A 268 -1.04 -19.27 23.84
CA VAL A 268 -1.75 -19.86 24.97
C VAL A 268 -1.60 -19.04 26.24
N ASN A 269 -2.72 -18.61 26.79
CA ASN A 269 -2.74 -17.85 28.04
C ASN A 269 -2.48 -18.77 29.24
N LYS A 270 -1.33 -18.58 29.87
CA LYS A 270 -0.89 -19.45 30.96
C LYS A 270 -1.82 -19.39 32.18
N ALA A 271 -2.31 -18.20 32.49
CA ALA A 271 -3.15 -18.02 33.67
C ALA A 271 -4.48 -18.74 33.54
N ARG A 272 -5.14 -18.57 32.40
CA ARG A 272 -6.43 -19.23 32.16
C ARG A 272 -6.25 -20.74 32.06
N LEU A 273 -5.07 -21.16 31.62
CA LEU A 273 -4.72 -22.57 31.60
C LEU A 273 -4.79 -23.12 33.02
N ILE A 274 -4.18 -22.38 33.95
CA ILE A 274 -4.18 -22.73 35.36
C ILE A 274 -5.59 -22.85 35.93
N GLU A 275 -6.41 -21.82 35.71
CA GLU A 275 -7.80 -21.83 36.16
C GLU A 275 -8.51 -23.09 35.67
N LYS A 276 -8.23 -23.45 34.42
CA LYS A 276 -8.88 -24.60 33.79
C LYS A 276 -8.57 -25.88 34.56
N ILE A 277 -7.29 -26.12 34.84
CA ILE A 277 -6.89 -27.31 35.58
C ILE A 277 -7.50 -27.35 36.97
N ALA A 278 -7.63 -26.20 37.61
CA ALA A 278 -8.22 -26.12 38.93
C ALA A 278 -9.70 -26.48 38.87
N GLU A 279 -10.37 -26.01 37.82
CA GLU A 279 -11.78 -26.31 37.61
C GLU A 279 -12.00 -27.78 37.30
N LEU A 280 -11.10 -28.37 36.52
CA LEU A 280 -11.20 -29.79 36.16
C LEU A 280 -11.12 -30.68 37.39
N VAL A 281 -10.18 -30.35 38.30
CA VAL A 281 -10.01 -31.12 39.53
C VAL A 281 -11.20 -30.92 40.45
N LYS A 282 -11.82 -29.74 40.39
CA LYS A 282 -13.02 -29.45 41.15
C LYS A 282 -14.14 -30.40 40.76
N GLU A 283 -14.43 -30.45 39.46
CA GLU A 283 -15.46 -31.33 38.93
C GLU A 283 -14.99 -32.78 38.90
N LYS A 284 -13.68 -32.95 39.05
CA LYS A 284 -13.07 -34.28 39.10
C LYS A 284 -13.16 -34.97 37.75
N ARG A 285 -12.92 -34.21 36.68
CA ARG A 285 -12.85 -34.79 35.34
C ARG A 285 -11.43 -35.31 35.16
N VAL A 286 -10.47 -34.64 35.81
CA VAL A 286 -9.10 -35.14 35.86
C VAL A 286 -8.81 -35.57 37.30
N GLU A 287 -7.90 -36.51 37.45
CA GLU A 287 -7.60 -37.07 38.77
C GLU A 287 -6.10 -37.13 39.03
N GLY A 288 -5.71 -37.11 40.30
CA GLY A 288 -4.32 -37.30 40.68
C GLY A 288 -3.52 -36.03 40.89
N ILE A 289 -4.18 -34.98 41.35
CA ILE A 289 -3.51 -33.70 41.60
C ILE A 289 -3.84 -33.16 42.98
N SER A 290 -2.81 -32.97 43.81
CA SER A 290 -3.00 -32.47 45.15
C SER A 290 -2.61 -31.00 45.25
N ALA A 291 -1.56 -30.61 44.52
CA ALA A 291 -1.07 -29.25 44.58
C ALA A 291 -0.81 -28.68 43.19
N LEU A 292 -1.55 -27.62 42.86
CA LEU A 292 -1.30 -26.91 41.61
C LEU A 292 -0.92 -25.45 41.87
N ARG A 293 0.34 -25.13 41.60
CA ARG A 293 0.87 -23.81 41.89
C ARG A 293 1.65 -23.28 40.70
N ASP A 294 1.66 -21.96 40.55
CA ASP A 294 2.41 -21.32 39.48
C ASP A 294 3.67 -20.67 40.03
N GLU A 295 4.81 -21.32 39.83
CA GLU A 295 6.08 -20.84 40.36
C GLU A 295 6.89 -20.06 39.32
N SER A 296 6.21 -19.55 38.30
CA SER A 296 6.89 -18.78 37.26
C SER A 296 7.62 -17.58 37.88
N ASP A 297 8.88 -17.40 37.51
CA ASP A 297 9.66 -16.29 38.03
C ASP A 297 10.72 -15.80 37.06
N LYS A 298 11.63 -14.96 37.55
CA LYS A 298 12.61 -14.28 36.69
C LYS A 298 13.56 -15.24 35.99
N ASP A 299 13.56 -16.51 36.40
CA ASP A 299 14.40 -17.51 35.77
C ASP A 299 13.69 -18.15 34.57
N GLY A 300 12.36 -18.07 34.57
CA GLY A 300 11.57 -18.59 33.47
C GLY A 300 10.19 -19.06 33.86
N ARG A 302 7.40 -21.77 35.01
CA ARG A 302 7.38 -22.96 35.87
C ARG A 302 6.00 -23.22 36.44
N ILE A 303 5.28 -24.16 35.83
CA ILE A 303 4.00 -24.58 36.38
C ILE A 303 4.16 -25.88 37.15
N VAL A 304 3.64 -25.89 38.38
CA VAL A 304 3.79 -27.04 39.26
C VAL A 304 2.47 -27.76 39.52
N ILE A 305 2.47 -29.06 39.26
CA ILE A 305 1.33 -29.92 39.55
C ILE A 305 1.80 -31.13 40.33
N GLU A 306 1.47 -31.18 41.62
CA GLU A 306 1.92 -32.28 42.46
C GLU A 306 0.95 -33.45 42.43
N VAL A 307 1.39 -34.54 41.81
CA VAL A 307 0.59 -35.76 41.72
C VAL A 307 0.25 -36.30 43.10
N LYS A 308 -1.01 -36.68 43.28
CA LYS A 308 -1.43 -37.30 44.54
C LYS A 308 -0.85 -38.71 44.66
N ARG A 309 -0.79 -39.20 45.89
CA ARG A 309 -0.40 -40.58 46.13
C ARG A 309 -1.46 -41.52 45.55
N ASP A 310 -1.04 -42.70 45.13
CA ASP A 310 -1.93 -43.68 44.52
C ASP A 310 -2.29 -43.27 43.09
N ALA A 311 -1.51 -42.36 42.53
CA ALA A 311 -1.74 -41.89 41.16
C ALA A 311 -0.41 -41.75 40.40
N VAL A 312 -0.44 -42.10 39.12
CA VAL A 312 0.77 -41.99 38.28
C VAL A 312 0.88 -40.58 37.71
N GLY A 313 2.10 -40.09 37.60
CA GLY A 313 2.36 -38.76 37.09
C GLY A 313 2.06 -38.63 35.60
N GLU A 314 2.62 -39.54 34.81
CA GLU A 314 2.48 -39.50 33.36
C GLU A 314 1.09 -39.96 32.88
N VAL A 315 0.35 -40.61 33.77
CA VAL A 315 -1.03 -40.97 33.49
C VAL A 315 -1.90 -39.74 33.73
N VAL A 316 -1.52 -38.95 34.73
CA VAL A 316 -2.17 -37.68 35.00
C VAL A 316 -1.85 -36.68 33.90
N LEU A 317 -0.59 -36.72 33.43
CA LEU A 317 -0.13 -35.83 32.38
C LEU A 317 -0.90 -36.05 31.08
N ASN A 318 -0.93 -37.30 30.62
CA ASN A 318 -1.64 -37.63 29.39
C ASN A 318 -3.13 -37.34 29.50
N ASN A 319 -3.69 -37.58 30.68
CA ASN A 319 -5.09 -37.25 30.93
C ASN A 319 -5.31 -35.74 30.84
N LEU A 320 -4.29 -34.98 31.20
CA LEU A 320 -4.34 -33.52 31.08
C LEU A 320 -4.29 -33.12 29.61
N TYR A 321 -3.26 -33.57 28.90
CA TYR A 321 -3.16 -33.32 27.46
C TYR A 321 -4.50 -33.50 26.77
N SER A 322 -5.26 -34.48 27.24
CA SER A 322 -6.51 -34.87 26.59
C SER A 322 -7.66 -33.92 26.90
N GLN A 323 -7.59 -33.27 28.06
CA GLN A 323 -8.67 -32.39 28.51
C GLN A 323 -8.23 -30.93 28.63
N THR A 324 -6.95 -30.67 28.34
CA THR A 324 -6.35 -29.39 28.68
C THR A 324 -5.77 -28.65 27.46
N GLN A 325 -5.65 -27.33 27.61
CA GLN A 325 -5.01 -26.49 26.61
C GLN A 325 -3.52 -26.78 26.53
N LEU A 326 -3.04 -27.70 27.37
CA LEU A 326 -1.64 -28.11 27.33
C LEU A 326 -1.29 -28.62 25.93
N GLN A 327 -2.28 -29.22 25.28
CA GLN A 327 -2.15 -29.67 23.91
C GLN A 327 -3.05 -28.84 23.02
N VAL A 328 -2.48 -28.27 21.95
CA VAL A 328 -3.26 -27.43 21.05
C VAL A 328 -2.93 -27.72 19.58
N SER A 329 -3.96 -27.94 18.77
CA SER A 329 -3.76 -28.12 17.34
C SER A 329 -3.80 -26.77 16.62
N PHE A 330 -2.76 -26.48 15.85
CA PHE A 330 -2.60 -25.18 15.22
C PHE A 330 -3.00 -25.27 13.75
N GLY A 331 -4.22 -24.82 13.45
CA GLY A 331 -4.76 -24.91 12.10
C GLY A 331 -4.15 -23.92 11.12
N ILE A 332 -3.02 -24.30 10.54
CA ILE A 332 -2.35 -23.45 9.57
C ILE A 332 -3.25 -23.17 8.37
N ASN A 333 -3.31 -21.92 7.97
CA ASN A 333 -4.14 -21.50 6.84
C ASN A 333 -3.53 -20.28 6.14
N VAL A 335 -3.07 -17.60 4.14
CA VAL A 335 -3.72 -16.67 3.22
C VAL A 335 -3.08 -15.30 3.36
N ALA A 336 -2.70 -14.70 2.23
CA ALA A 336 -2.07 -13.40 2.25
C ALA A 336 -2.22 -12.67 0.92
N LEU A 337 -2.34 -11.35 0.98
CA LEU A 337 -2.56 -10.54 -0.22
C LEU A 337 -1.31 -10.40 -1.08
N HIS A 338 -1.32 -11.06 -2.23
CA HIS A 338 -0.17 -11.02 -3.14
C HIS A 338 -0.17 -9.73 -3.95
N HIS A 339 -1.18 -9.58 -4.81
CA HIS A 339 -1.29 -8.40 -5.66
C HIS A 339 -2.46 -7.49 -5.29
N GLY A 340 -2.71 -7.36 -3.99
CA GLY A 340 -3.87 -6.62 -3.51
C GLY A 340 -5.04 -7.59 -3.58
N GLN A 341 -4.73 -8.85 -3.86
CA GLN A 341 -5.74 -9.88 -3.96
C GLN A 341 -5.39 -11.07 -3.06
N PRO A 342 -6.39 -11.60 -2.34
CA PRO A 342 -6.24 -12.74 -1.43
C PRO A 342 -5.84 -14.02 -2.16
N LYS A 343 -4.91 -14.77 -1.58
CA LYS A 343 -4.47 -16.03 -2.16
C LYS A 343 -4.12 -17.06 -1.08
N ILE A 344 -4.45 -18.31 -1.35
CA ILE A 344 -3.99 -19.41 -0.51
C ILE A 344 -2.69 -19.94 -1.11
N ASN A 346 1.19 -21.98 -0.86
CA ASN A 346 2.07 -22.95 -0.22
C ASN A 346 3.41 -22.29 0.14
N LEU A 347 4.26 -23.03 0.83
CA LEU A 347 5.54 -22.51 1.31
C LEU A 347 6.38 -21.83 0.21
N LYS A 348 6.46 -22.47 -0.95
CA LYS A 348 7.28 -21.96 -2.03
C LYS A 348 6.76 -20.63 -2.55
N ASP A 349 5.44 -20.53 -2.69
CA ASP A 349 4.82 -19.32 -3.20
C ASP A 349 5.16 -18.10 -2.33
N ILE A 350 5.24 -18.32 -1.02
CA ILE A 350 5.59 -17.27 -0.08
C ILE A 350 7.05 -16.86 -0.22
N ILE A 351 7.91 -17.85 -0.43
CA ILE A 351 9.34 -17.60 -0.59
C ILE A 351 9.65 -16.87 -1.89
N ALA A 352 9.01 -17.32 -2.97
CA ALA A 352 9.20 -16.70 -4.28
C ALA A 352 8.79 -15.23 -4.24
N ALA A 353 7.65 -14.96 -3.62
CA ALA A 353 7.12 -13.60 -3.54
C ALA A 353 8.10 -12.67 -2.82
N PHE A 354 8.77 -13.18 -1.79
CA PHE A 354 9.77 -12.39 -1.08
C PHE A 354 10.97 -12.10 -1.96
N VAL A 355 11.31 -13.06 -2.81
CA VAL A 355 12.48 -12.92 -3.67
C VAL A 355 12.21 -12.06 -4.90
N ARG A 356 10.97 -12.06 -5.38
CA ARG A 356 10.60 -11.13 -6.43
C ARG A 356 10.58 -9.71 -5.85
N HIS A 357 10.08 -9.60 -4.62
CA HIS A 357 10.04 -8.30 -3.96
C HIS A 357 11.44 -7.74 -3.72
N ARG A 358 12.38 -8.62 -3.39
CA ARG A 358 13.76 -8.20 -3.19
C ARG A 358 14.36 -7.68 -4.49
N ARG A 359 14.14 -8.41 -5.58
CA ARG A 359 14.62 -8.00 -6.88
C ARG A 359 14.15 -6.59 -7.22
N GLU A 360 12.86 -6.34 -7.04
CA GLU A 360 12.28 -5.04 -7.32
C GLU A 360 12.88 -3.94 -6.45
N VAL A 361 12.96 -4.17 -5.14
CA VAL A 361 13.54 -3.21 -4.21
C VAL A 361 15.00 -2.92 -4.57
N VAL A 362 15.75 -3.99 -4.84
CA VAL A 362 17.16 -3.87 -5.20
C VAL A 362 17.35 -3.06 -6.47
N THR A 363 16.56 -3.38 -7.50
CA THR A 363 16.61 -2.64 -8.76
C THR A 363 16.24 -1.17 -8.52
N ARG A 364 15.03 -0.94 -8.04
CA ARG A 364 14.55 0.41 -7.81
C ARG A 364 15.53 1.21 -6.96
N ARG A 365 16.16 0.54 -6.00
CA ARG A 365 17.17 1.17 -5.17
C ARG A 365 18.31 1.68 -6.03
N THR A 366 18.89 0.78 -6.82
CA THR A 366 19.99 1.11 -7.70
C THR A 366 19.67 2.31 -8.59
N ILE A 367 18.57 2.22 -9.33
CA ILE A 367 18.16 3.29 -10.23
C ILE A 367 18.15 4.63 -9.52
N PHE A 368 17.60 4.66 -8.32
CA PHE A 368 17.57 5.87 -7.50
C PHE A 368 18.99 6.29 -7.13
N GLU A 369 19.77 5.34 -6.63
CA GLU A 369 21.15 5.60 -6.24
C GLU A 369 21.93 6.19 -7.41
N LEU A 370 21.71 5.65 -8.60
CA LEU A 370 22.38 6.13 -9.79
C LEU A 370 21.97 7.57 -10.09
N ARG A 371 20.68 7.82 -10.10
CA ARG A 371 20.15 9.15 -10.36
C ARG A 371 20.73 10.17 -9.39
N LYS A 372 20.67 9.86 -8.10
CA LYS A 372 21.22 10.73 -7.07
C LYS A 372 22.70 10.99 -7.30
N ALA A 373 23.44 9.93 -7.63
CA ALA A 373 24.87 10.07 -7.91
C ALA A 373 25.10 11.04 -9.06
N ARG A 374 24.35 10.85 -10.14
CA ARG A 374 24.41 11.74 -11.29
C ARG A 374 24.18 13.19 -10.88
N ASP A 375 23.06 13.44 -10.20
CA ASP A 375 22.69 14.78 -9.79
C ASP A 375 23.73 15.43 -8.86
N ARG A 376 24.38 14.61 -8.05
CA ARG A 376 25.40 15.13 -7.14
C ARG A 376 26.70 15.43 -7.87
N ALA A 377 27.06 14.56 -8.81
CA ALA A 377 28.25 14.77 -9.62
C ALA A 377 28.07 16.00 -10.50
N HIS A 378 26.84 16.21 -10.95
CA HIS A 378 26.52 17.37 -11.78
C HIS A 378 26.64 18.67 -10.98
N ILE A 379 26.14 18.65 -9.76
CA ILE A 379 26.26 19.80 -8.87
C ILE A 379 27.73 20.10 -8.58
N LEU A 380 28.50 19.05 -8.32
CA LEU A 380 29.92 19.19 -8.00
C LEU A 380 30.70 19.86 -9.12
N GLU A 381 30.47 19.43 -10.35
CA GLU A 381 31.17 19.97 -11.51
C GLU A 381 31.09 21.50 -11.54
N ALA A 382 29.94 22.03 -11.17
CA ALA A 382 29.74 23.48 -11.15
C ALA A 382 30.55 24.12 -10.02
N LEU A 383 30.52 23.46 -8.85
CA LEU A 383 31.24 23.97 -7.68
C LEU A 383 32.74 23.99 -7.92
N ALA A 384 33.25 22.95 -8.54
CA ALA A 384 34.68 22.83 -8.83
C ALA A 384 35.13 23.90 -9.83
N VAL A 385 34.37 24.04 -10.91
CA VAL A 385 34.67 25.04 -11.93
C VAL A 385 34.61 26.44 -11.33
N ALA A 386 33.73 26.62 -10.36
CA ALA A 386 33.57 27.92 -9.70
C ALA A 386 34.85 28.39 -9.03
N LEU A 387 35.54 27.47 -8.36
CA LEU A 387 36.75 27.81 -7.62
C LEU A 387 37.88 28.31 -8.52
N ALA A 388 38.16 27.56 -9.59
CA ALA A 388 39.21 27.95 -10.53
C ALA A 388 38.93 29.34 -11.08
N ASN A 389 37.67 29.60 -11.41
CA ASN A 389 37.26 30.90 -11.95
C ASN A 389 36.65 31.79 -10.87
N ILE A 390 37.03 31.54 -9.63
CA ILE A 390 36.38 32.19 -8.48
C ILE A 390 36.48 33.71 -8.47
N ASP A 391 37.66 34.24 -8.73
CA ASP A 391 37.88 35.68 -8.62
C ASP A 391 36.96 36.50 -9.54
N PRO A 392 36.91 36.14 -10.83
CA PRO A 392 35.99 36.83 -11.74
C PRO A 392 34.55 36.77 -11.24
N ILE A 393 34.17 35.63 -10.67
CA ILE A 393 32.84 35.46 -10.11
C ILE A 393 32.62 36.43 -8.96
N ILE A 394 33.58 36.47 -8.05
CA ILE A 394 33.50 37.36 -6.88
C ILE A 394 33.28 38.79 -7.31
N GLU A 395 34.01 39.23 -8.34
CA GLU A 395 33.84 40.55 -8.90
C GLU A 395 32.38 40.76 -9.31
N LEU A 396 31.88 39.84 -10.13
CA LEU A 396 30.49 39.89 -10.59
C LEU A 396 29.52 40.04 -9.44
N ILE A 397 29.73 39.23 -8.40
CA ILE A 397 28.86 39.27 -7.23
C ILE A 397 28.85 40.66 -6.60
N ARG A 398 30.02 41.30 -6.54
CA ARG A 398 30.13 42.63 -6.00
C ARG A 398 29.41 43.63 -6.90
N HIS A 399 29.37 43.33 -8.20
CA HIS A 399 28.83 44.26 -9.19
C HIS A 399 27.33 44.44 -9.11
N ALA A 400 26.59 43.35 -9.24
CA ALA A 400 25.13 43.42 -9.32
C ALA A 400 24.45 43.41 -7.94
N PRO A 401 23.76 44.51 -7.61
CA PRO A 401 23.04 44.69 -6.35
C PRO A 401 22.09 43.52 -6.06
N THR A 402 21.26 43.16 -7.04
CA THR A 402 20.33 42.05 -6.87
C THR A 402 20.97 40.72 -7.23
N PRO A 403 20.75 39.70 -6.40
CA PRO A 403 21.31 38.37 -6.63
C PRO A 403 20.93 37.83 -8.01
N ALA A 404 19.70 38.11 -8.45
CA ALA A 404 19.21 37.64 -9.73
C ALA A 404 19.94 38.33 -10.88
N GLU A 405 20.44 39.54 -10.63
CA GLU A 405 21.18 40.28 -11.63
C GLU A 405 22.61 39.76 -11.75
N ALA A 406 23.18 39.37 -10.61
CA ALA A 406 24.49 38.73 -10.59
C ALA A 406 24.35 37.32 -11.12
N LYS A 407 23.18 36.73 -10.84
CA LYS A 407 22.87 35.38 -11.28
C LYS A 407 22.81 35.34 -12.81
N THR A 408 22.01 36.23 -13.38
CA THR A 408 21.88 36.34 -14.83
C THR A 408 23.25 36.53 -15.48
N ALA A 409 24.13 37.26 -14.79
CA ALA A 409 25.48 37.50 -15.28
C ALA A 409 26.25 36.18 -15.36
N LEU A 410 26.09 35.35 -14.35
CA LEU A 410 26.74 34.04 -14.31
C LEU A 410 26.16 33.14 -15.40
N VAL A 411 24.89 33.37 -15.72
CA VAL A 411 24.18 32.57 -16.71
C VAL A 411 24.65 32.89 -18.13
N ALA A 412 25.04 34.14 -18.35
CA ALA A 412 25.38 34.61 -19.69
C ALA A 412 26.65 33.98 -20.25
N ASN A 413 27.68 33.87 -19.41
CA ASN A 413 28.99 33.42 -19.89
C ASN A 413 29.45 32.09 -19.30
N PRO A 414 29.64 31.09 -20.17
CA PRO A 414 30.18 29.77 -19.79
C PRO A 414 31.61 29.85 -19.31
N TRP A 415 32.03 28.91 -18.47
CA TRP A 415 33.38 28.88 -17.94
C TRP A 415 34.14 27.65 -18.43
N VAL A 420 41.48 20.22 -14.01
CA VAL A 420 40.61 19.09 -13.67
C VAL A 420 39.99 18.47 -14.92
N ALA A 421 40.64 18.68 -16.06
CA ALA A 421 40.15 18.16 -17.33
C ALA A 421 40.15 16.64 -17.35
N ALA A 422 41.20 16.04 -16.81
CA ALA A 422 41.30 14.59 -16.74
C ALA A 422 40.16 14.02 -15.91
N LEU A 424 37.20 15.35 -15.49
CA LEU A 424 35.96 15.50 -16.24
C LEU A 424 35.79 14.39 -17.28
N GLU A 425 36.90 13.78 -17.67
CA GLU A 425 36.87 12.68 -18.63
C GLU A 425 37.25 11.36 -17.97
N ASP A 430 31.06 11.77 -19.49
CA ASP A 430 29.67 12.16 -19.71
C ASP A 430 28.72 11.40 -18.78
N ALA A 431 29.20 10.27 -18.26
CA ALA A 431 28.38 9.42 -17.39
C ALA A 431 27.77 10.20 -16.23
N ALA A 432 28.58 11.05 -15.60
CA ALA A 432 28.15 11.78 -14.42
C ALA A 432 26.87 12.60 -14.63
N ARG A 433 26.65 13.04 -15.86
CA ARG A 433 25.50 13.90 -16.15
C ARG A 433 24.19 13.13 -16.21
N PRO A 434 23.19 13.62 -15.46
CA PRO A 434 21.86 13.01 -15.38
C PRO A 434 21.19 12.90 -16.75
N GLU A 435 20.35 11.88 -16.91
CA GLU A 435 19.72 11.64 -18.20
C GLU A 435 18.78 12.77 -18.60
N TRP A 436 18.20 13.44 -17.61
CA TRP A 436 17.28 14.54 -17.86
C TRP A 436 18.01 15.78 -18.36
N LEU A 437 19.26 15.94 -17.95
CA LEU A 437 20.04 17.12 -18.34
C LEU A 437 20.13 17.27 -19.85
N GLU A 438 19.83 18.47 -20.33
CA GLU A 438 19.85 18.77 -21.76
C GLU A 438 21.26 18.65 -22.34
N PRO A 439 21.36 18.57 -23.68
CA PRO A 439 22.66 18.40 -24.36
C PRO A 439 23.52 19.66 -24.32
N GLU A 440 22.87 20.83 -24.30
CA GLU A 440 23.57 22.10 -24.35
C GLU A 440 24.46 22.29 -23.13
N PHE A 441 23.86 22.18 -21.94
CA PHE A 441 24.54 22.47 -20.70
C PHE A 441 25.74 21.54 -20.46
N LEU A 447 35.01 25.45 -22.74
CA LEU A 447 34.30 26.01 -21.59
C LEU A 447 33.19 25.07 -21.12
N TYR A 448 32.69 25.31 -19.91
CA TYR A 448 31.65 24.47 -19.32
C TYR A 448 30.36 25.27 -19.16
N TYR A 449 29.25 24.68 -19.57
CA TYR A 449 27.95 25.34 -19.47
C TYR A 449 27.34 25.19 -18.08
N LEU A 450 26.59 26.21 -17.65
CA LEU A 450 26.03 26.23 -16.31
C LEU A 450 24.50 26.24 -16.31
N THR A 451 23.90 25.77 -15.22
CA THR A 451 22.46 25.74 -15.07
C THR A 451 22.01 26.88 -14.17
N GLU A 452 20.77 27.33 -14.35
CA GLU A 452 20.20 28.36 -13.50
C GLU A 452 20.40 27.97 -12.04
N GLN A 453 20.13 26.71 -11.74
CA GLN A 453 20.28 26.18 -10.39
C GLN A 453 21.73 26.23 -9.92
N GLN A 454 22.65 25.89 -10.81
CA GLN A 454 24.07 25.91 -10.50
C GLN A 454 24.56 27.32 -10.20
N ALA A 455 23.99 28.30 -10.89
CA ALA A 455 24.34 29.70 -10.67
C ALA A 455 24.03 30.09 -9.23
N GLN A 456 22.88 29.63 -8.73
CA GLN A 456 22.47 29.92 -7.37
C GLN A 456 23.27 29.11 -6.36
N ALA A 457 23.79 27.97 -6.82
CA ALA A 457 24.60 27.11 -5.97
C ALA A 457 25.95 27.76 -5.69
N ILE A 458 26.51 28.43 -6.69
CA ILE A 458 27.77 29.16 -6.52
C ILE A 458 27.52 30.38 -5.64
N LEU A 459 26.35 30.98 -5.80
CA LEU A 459 25.95 32.12 -4.99
C LEU A 459 25.65 31.72 -3.55
N ASP A 460 25.20 30.48 -3.36
CA ASP A 460 24.83 29.99 -2.04
C ASP A 460 26.03 29.55 -1.21
N LEU A 461 27.03 28.98 -1.88
CA LEU A 461 28.23 28.49 -1.19
C LEU A 461 28.75 29.51 -0.19
N ARG A 462 29.12 29.03 0.99
CA ARG A 462 29.56 29.90 2.08
C ARG A 462 31.04 30.22 1.99
N LEU A 463 31.52 31.08 2.89
CA LEU A 463 32.91 31.52 2.86
C LEU A 463 33.89 30.49 3.41
N GLN A 464 33.38 29.53 4.18
CA GLN A 464 34.23 28.50 4.78
C GLN A 464 34.72 27.48 3.75
N LYS A 465 33.89 27.22 2.75
CA LYS A 465 34.24 26.24 1.72
C LYS A 465 35.38 26.75 0.84
N LEU A 466 35.63 28.05 0.89
CA LEU A 466 36.63 28.69 0.02
C LEU A 466 38.03 28.15 0.25
N THR A 467 38.31 27.73 1.48
CA THR A 467 39.63 27.24 1.86
C THR A 467 40.18 26.24 0.84
N GLY A 468 41.50 26.24 0.67
CA GLY A 468 42.15 25.39 -0.32
C GLY A 468 42.16 23.93 0.04
N LEU A 469 41.54 23.58 1.16
CA LEU A 469 41.46 22.19 1.60
C LEU A 469 40.15 21.55 1.18
N GLU A 470 39.12 22.38 1.00
CA GLU A 470 37.81 21.89 0.59
C GLU A 470 37.81 21.50 -0.88
N HIS A 471 38.60 22.22 -1.67
CA HIS A 471 38.73 21.90 -3.09
C HIS A 471 39.20 20.46 -3.27
N GLU A 472 40.31 20.11 -2.65
CA GLU A 472 40.86 18.75 -2.75
C GLU A 472 39.89 17.71 -2.20
N LYS A 473 39.15 18.07 -1.15
CA LYS A 473 38.19 17.16 -0.54
C LYS A 473 37.05 16.84 -1.50
N LEU A 474 36.50 17.86 -2.14
CA LEU A 474 35.40 17.67 -3.08
C LEU A 474 35.84 16.82 -4.26
N LEU A 475 37.10 16.97 -4.65
CA LEU A 475 37.67 16.19 -5.75
C LEU A 475 37.57 14.70 -5.46
N ASP A 476 37.68 14.34 -4.19
CA ASP A 476 37.61 12.94 -3.77
C ASP A 476 36.19 12.40 -3.94
N GLU A 477 35.22 13.10 -3.34
CA GLU A 477 33.82 12.71 -3.44
C GLU A 477 33.43 12.47 -4.90
N TYR A 478 33.75 13.45 -5.74
CA TYR A 478 33.46 13.35 -7.17
C TYR A 478 33.98 12.04 -7.75
N LYS A 479 35.29 11.84 -7.67
CA LYS A 479 35.93 10.66 -8.22
C LYS A 479 35.37 9.36 -7.64
N GLU A 480 35.03 9.40 -6.35
CA GLU A 480 34.51 8.21 -5.68
C GLU A 480 33.09 7.90 -6.14
N LEU A 481 32.38 8.92 -6.62
CA LEU A 481 31.03 8.74 -7.13
C LEU A 481 31.04 8.14 -8.53
N LEU A 482 32.05 8.49 -9.31
CA LEU A 482 32.24 7.91 -10.64
C LEU A 482 32.39 6.40 -10.52
N ASP A 483 33.27 5.98 -9.62
CA ASP A 483 33.49 4.57 -9.36
C ASP A 483 32.18 3.89 -8.93
N GLN A 484 31.31 4.68 -8.32
CA GLN A 484 30.03 4.15 -7.83
C GLN A 484 29.02 4.03 -8.96
N ILE A 485 28.87 5.09 -9.74
CA ILE A 485 27.95 5.06 -10.88
C ILE A 485 28.34 3.92 -11.82
N ALA A 486 29.64 3.74 -12.01
CA ALA A 486 30.16 2.68 -12.85
C ALA A 486 29.75 1.32 -12.29
N GLU A 487 29.75 1.21 -10.96
CA GLU A 487 29.38 -0.02 -10.29
C GLU A 487 27.89 -0.27 -10.40
N LEU A 488 27.11 0.79 -10.18
CA LEU A 488 25.65 0.71 -10.29
C LEU A 488 25.23 0.27 -11.69
N LEU A 489 25.90 0.80 -12.71
CA LEU A 489 25.62 0.42 -14.09
C LEU A 489 25.95 -1.05 -14.32
N ARG A 490 27.05 -1.50 -13.72
CA ARG A 490 27.44 -2.90 -13.81
C ARG A 490 26.34 -3.79 -13.23
N ILE A 491 25.67 -3.30 -12.20
CA ILE A 491 24.62 -4.05 -11.52
C ILE A 491 23.35 -4.15 -12.36
N LEU A 492 22.90 -3.01 -12.89
CA LEU A 492 21.68 -2.97 -13.67
C LEU A 492 21.79 -3.80 -14.95
N GLY A 493 22.96 -3.77 -15.57
CA GLY A 493 23.20 -4.56 -16.76
C GLY A 493 23.18 -6.05 -16.46
N SER A 494 24.06 -6.47 -15.55
CA SER A 494 24.18 -7.88 -15.21
C SER A 494 23.04 -8.36 -14.31
N ALA A 495 22.23 -9.28 -14.84
CA ALA A 495 21.09 -9.82 -14.11
C ALA A 495 21.51 -10.81 -13.02
N ASP A 496 22.63 -11.50 -13.26
CA ASP A 496 23.15 -12.44 -12.27
C ASP A 496 23.88 -11.71 -11.15
N ARG A 497 24.38 -10.51 -11.46
CA ARG A 497 25.04 -9.67 -10.46
C ARG A 497 24.04 -9.22 -9.40
N LEU A 498 22.86 -8.80 -9.86
CA LEU A 498 21.80 -8.36 -8.96
C LEU A 498 21.39 -9.51 -8.04
N GLU A 500 23.34 -11.72 -7.00
CA GLU A 500 24.46 -11.96 -6.10
C GLU A 500 24.44 -10.98 -4.92
N VAL A 501 24.00 -9.76 -5.19
CA VAL A 501 23.86 -8.75 -4.14
C VAL A 501 22.72 -9.12 -3.22
N ILE A 502 21.64 -9.66 -3.78
CA ILE A 502 20.51 -10.13 -3.00
C ILE A 502 20.92 -11.26 -2.06
N ARG A 503 21.65 -12.23 -2.59
CA ARG A 503 22.15 -13.35 -1.81
C ARG A 503 23.08 -12.88 -0.68
N GLU A 504 23.86 -11.83 -0.96
CA GLU A 504 24.76 -11.28 0.04
C GLU A 504 23.98 -10.61 1.17
N GLU A 505 22.86 -9.99 0.81
CA GLU A 505 22.03 -9.31 1.80
C GLU A 505 21.30 -10.32 2.69
N LEU A 506 20.87 -11.42 2.11
CA LEU A 506 20.21 -12.47 2.87
C LEU A 506 21.16 -13.12 3.88
N GLU A 507 22.41 -13.31 3.46
CA GLU A 507 23.42 -13.89 4.34
C GLU A 507 23.74 -12.95 5.50
N LEU A 508 23.85 -11.66 5.21
CA LEU A 508 24.09 -10.66 6.23
C LEU A 508 22.98 -10.69 7.28
N VAL A 509 21.78 -11.02 6.83
CA VAL A 509 20.61 -11.08 7.71
C VAL A 509 20.62 -12.34 8.57
N ARG A 510 21.06 -13.45 7.99
CA ARG A 510 21.12 -14.72 8.69
C ARG A 510 22.19 -14.72 9.78
N GLU A 511 23.26 -13.95 9.56
CA GLU A 511 24.34 -13.88 10.54
C GLU A 511 24.02 -12.89 11.65
N GLN A 512 23.61 -11.68 11.27
CA GLN A 512 23.35 -10.63 12.23
C GLN A 512 22.15 -10.93 13.14
N PHE A 513 21.10 -11.51 12.56
CA PHE A 513 19.85 -11.69 13.30
C PHE A 513 19.42 -13.14 13.46
N GLY A 514 20.25 -14.06 12.97
CA GLY A 514 19.94 -15.47 13.06
C GLY A 514 20.13 -16.01 14.48
N ASP A 515 19.27 -16.94 14.88
CA ASP A 515 19.37 -17.54 16.19
C ASP A 515 18.90 -19.01 16.21
N LYS A 516 19.05 -19.65 17.36
CA LYS A 516 18.75 -21.08 17.50
C LYS A 516 17.26 -21.35 17.43
N ARG A 517 16.90 -22.59 17.11
CA ARG A 517 15.51 -23.02 17.11
C ARG A 517 15.01 -23.12 18.55
N ARG A 518 13.70 -23.16 18.72
CA ARG A 518 13.11 -23.18 20.06
C ARG A 518 12.07 -24.27 20.25
N THR A 519 11.23 -24.47 19.24
CA THR A 519 10.24 -25.53 19.30
C THR A 519 10.88 -26.78 18.72
N GLU A 520 10.42 -27.94 19.17
CA GLU A 520 10.95 -29.20 18.70
C GLU A 520 9.94 -29.93 17.83
N ILE A 521 10.42 -30.53 16.74
CA ILE A 521 9.57 -31.34 15.89
C ILE A 521 9.90 -32.81 16.07
N THR A 522 8.94 -33.58 16.55
CA THR A 522 9.15 -34.99 16.86
C THR A 522 8.12 -35.87 16.17
N ALA A 523 8.36 -36.19 14.91
CA ALA A 523 7.43 -36.98 14.10
C ALA A 523 7.20 -38.38 14.66
N ASN A 524 8.09 -38.81 15.55
CA ASN A 524 8.02 -40.15 16.14
C ASN A 524 8.49 -41.24 15.18
N GLY B 18 -40.35 9.74 25.65
CA GLY B 18 -41.27 9.74 24.53
C GLY B 18 -40.62 10.17 23.23
N LEU B 19 -41.42 10.73 22.34
CA LEU B 19 -40.94 11.18 21.03
C LEU B 19 -40.21 12.53 21.11
N PRO B 20 -40.87 13.55 21.71
CA PRO B 20 -40.24 14.86 21.81
C PRO B 20 -38.92 14.80 22.58
N GLY B 21 -37.88 15.43 22.04
CA GLY B 21 -36.56 15.39 22.64
C GLY B 21 -35.62 14.52 21.85
N LYS B 22 -36.18 13.55 21.13
CA LYS B 22 -35.40 12.66 20.28
C LYS B 22 -35.58 13.03 18.81
N LEU B 23 -36.74 13.58 18.48
CA LEU B 23 -37.03 14.00 17.11
C LEU B 23 -37.18 15.51 16.99
N ALA B 24 -36.70 16.06 15.88
CA ALA B 24 -36.86 17.48 15.59
C ALA B 24 -37.83 17.68 14.43
N ASP B 25 -39.11 17.84 14.75
CA ASP B 25 -40.16 17.88 13.74
C ASP B 25 -40.21 19.21 12.98
N CYS B 26 -41.14 19.30 12.04
CA CYS B 26 -41.26 20.45 11.16
C CYS B 26 -42.66 21.06 11.20
N GLN B 27 -42.79 22.26 10.64
CA GLN B 27 -44.07 22.96 10.61
C GLN B 27 -45.10 22.24 9.75
N GLU B 28 -44.64 21.69 8.63
CA GLU B 28 -45.53 20.98 7.71
C GLU B 28 -46.19 19.80 8.40
N ARG B 29 -47.52 19.72 8.27
CA ARG B 29 -48.30 18.66 8.92
C ARG B 29 -48.73 17.56 7.96
N ASP B 30 -48.70 17.85 6.65
CA ASP B 30 -49.22 16.92 5.65
C ASP B 30 -48.14 16.00 5.08
N PRO B 31 -48.31 14.69 5.28
CA PRO B 31 -47.45 13.70 4.62
C PRO B 31 -47.50 13.93 3.11
N ALA B 32 -46.42 13.60 2.40
CA ALA B 32 -46.31 13.85 0.96
C ALA B 32 -46.07 15.32 0.67
N LEU B 33 -45.82 16.09 1.72
CA LEU B 33 -45.44 17.47 1.59
C LEU B 33 -44.28 17.71 2.57
N SER B 34 -43.89 16.64 3.25
CA SER B 34 -42.86 16.70 4.28
C SER B 34 -41.84 15.57 4.18
N GLU B 35 -40.59 15.86 4.56
CA GLU B 35 -39.52 14.88 4.46
C GLU B 35 -38.80 14.67 5.79
N LEU B 36 -38.52 13.41 6.11
CA LEU B 36 -37.83 13.06 7.35
C LEU B 36 -36.40 12.63 7.06
N TYR B 37 -35.44 13.31 7.68
CA TYR B 37 -34.04 12.95 7.54
C TYR B 37 -33.63 11.95 8.62
N LEU B 38 -32.81 10.98 8.23
CA LEU B 38 -32.27 10.01 9.19
C LEU B 38 -30.75 10.04 9.15
N VAL B 39 -30.15 10.41 10.27
CA VAL B 39 -28.70 10.54 10.33
C VAL B 39 -28.10 9.71 11.45
N GLU B 40 -26.77 9.64 11.46
CA GLU B 40 -26.05 9.05 12.58
C GLU B 40 -25.65 10.19 13.51
N GLY B 41 -26.23 10.20 14.71
CA GLY B 41 -26.00 11.27 15.66
C GLY B 41 -24.58 11.79 15.63
N ASP B 42 -23.60 10.88 15.69
CA ASP B 42 -22.20 11.24 15.79
C ASP B 42 -21.67 11.90 14.52
N SER B 43 -22.25 11.56 13.37
CA SER B 43 -21.77 12.07 12.10
C SER B 43 -22.39 13.42 11.74
N ALA B 44 -23.71 13.50 11.79
CA ALA B 44 -24.41 14.70 11.35
C ALA B 44 -25.56 15.11 12.27
N GLY B 45 -25.80 14.33 13.33
CA GLY B 45 -26.87 14.62 14.26
C GLY B 45 -27.04 16.10 14.58
N GLY B 46 -25.94 16.76 14.91
CA GLY B 46 -25.98 18.17 15.26
C GLY B 46 -26.05 19.07 14.04
N SER B 47 -25.11 18.88 13.12
CA SER B 47 -25.02 19.72 11.92
C SER B 47 -26.31 19.74 11.11
N ALA B 48 -26.98 18.59 11.05
CA ALA B 48 -28.26 18.50 10.34
C ALA B 48 -29.27 19.45 10.95
N LYS B 49 -29.35 19.48 12.27
CA LYS B 49 -30.33 20.32 12.97
C LYS B 49 -30.04 21.81 12.84
N GLN B 50 -28.76 22.17 12.78
CA GLN B 50 -28.37 23.56 12.69
C GLN B 50 -28.45 24.07 11.26
N GLY B 51 -28.74 23.16 10.33
CA GLY B 51 -28.74 23.53 8.93
C GLY B 51 -30.00 23.16 8.15
N ARG B 52 -30.95 22.52 8.82
CA ARG B 52 -32.18 22.12 8.16
C ARG B 52 -33.07 23.32 7.86
N ASN B 53 -34.25 23.03 7.31
CA ASN B 53 -35.27 24.04 7.08
C ASN B 53 -36.51 23.67 7.88
N ARG B 54 -36.82 24.47 8.90
CA ARG B 54 -37.87 24.13 9.84
C ARG B 54 -39.21 23.83 9.19
N LYS B 55 -39.46 24.45 8.03
CA LYS B 55 -40.76 24.33 7.37
C LYS B 55 -41.16 22.88 7.07
N ASN B 56 -40.29 22.14 6.37
CA ASN B 56 -40.65 20.81 5.92
C ASN B 56 -39.62 19.70 6.19
N GLN B 57 -38.49 20.06 6.78
CA GLN B 57 -37.46 19.08 7.08
C GLN B 57 -37.45 18.65 8.55
N ALA B 58 -37.73 17.37 8.79
CA ALA B 58 -37.66 16.81 10.13
C ALA B 58 -36.41 15.95 10.26
N ILE B 59 -35.83 15.91 11.46
CA ILE B 59 -34.57 15.19 11.67
C ILE B 59 -34.65 14.18 12.80
N LEU B 60 -34.34 12.92 12.48
CA LEU B 60 -34.28 11.86 13.49
C LEU B 60 -32.88 11.28 13.55
N PRO B 61 -32.07 11.71 14.53
CA PRO B 61 -30.74 11.14 14.71
C PRO B 61 -30.84 9.71 15.24
N LEU B 62 -30.02 8.82 14.70
CA LEU B 62 -29.95 7.45 15.20
C LEU B 62 -28.55 7.13 15.70
N LYS B 63 -28.46 6.16 16.61
CA LYS B 63 -27.17 5.71 17.12
C LYS B 63 -27.13 4.20 17.16
N GLY B 64 -26.13 3.61 16.52
CA GLY B 64 -25.99 2.18 16.49
C GLY B 64 -24.86 1.70 15.58
N LEU B 78 -26.39 -3.93 15.40
CA LEU B 78 -26.03 -2.70 16.09
C LEU B 78 -27.21 -1.74 16.12
N SER B 79 -28.41 -2.28 16.25
CA SER B 79 -29.63 -1.48 16.18
C SER B 79 -30.32 -1.34 17.53
N SER B 80 -30.30 -0.14 18.10
CA SER B 80 -30.95 0.13 19.37
C SER B 80 -32.45 -0.17 19.28
N GLN B 81 -32.96 -0.89 20.27
CA GLN B 81 -34.38 -1.26 20.29
C GLN B 81 -35.29 -0.08 20.60
N GLU B 82 -34.91 0.72 21.60
CA GLU B 82 -35.66 1.94 21.90
C GLU B 82 -35.75 2.79 20.64
N VAL B 83 -34.60 2.95 19.99
CA VAL B 83 -34.51 3.66 18.72
C VAL B 83 -35.50 3.09 17.70
N ALA B 84 -35.54 1.76 17.61
CA ALA B 84 -36.41 1.08 16.65
C ALA B 84 -37.89 1.29 16.96
N THR B 85 -38.19 1.65 18.20
CA THR B 85 -39.57 1.93 18.58
C THR B 85 -39.85 3.41 18.38
N LEU B 86 -38.80 4.22 18.37
CA LEU B 86 -38.91 5.64 18.11
C LEU B 86 -39.17 5.86 16.62
N ILE B 87 -38.44 5.13 15.79
CA ILE B 87 -38.59 5.23 14.35
C ILE B 87 -39.98 4.75 13.92
N THR B 88 -40.45 3.67 14.54
CA THR B 88 -41.79 3.17 14.28
C THR B 88 -42.84 4.18 14.73
N ALA B 89 -42.72 4.63 15.98
CA ALA B 89 -43.64 5.62 16.54
C ALA B 89 -43.56 6.93 15.77
N LEU B 90 -42.52 7.06 14.95
CA LEU B 90 -42.34 8.27 14.15
C LEU B 90 -43.24 8.25 12.92
N GLY B 91 -43.22 7.12 12.22
CA GLY B 91 -44.04 6.94 11.02
C GLY B 91 -43.66 5.68 10.28
N ARG B 105 -47.18 12.67 9.40
CA ARG B 105 -45.94 11.92 9.26
C ARG B 105 -45.13 12.40 8.06
N TYR B 106 -44.44 11.48 7.39
CA TYR B 106 -43.49 11.84 6.34
C TYR B 106 -43.54 10.86 5.17
N HIS B 107 -43.65 11.39 3.95
CA HIS B 107 -43.70 10.58 2.74
C HIS B 107 -42.31 10.29 2.17
N SER B 108 -41.47 11.31 2.14
CA SER B 108 -40.12 11.15 1.63
C SER B 108 -39.09 11.11 2.77
N ILE B 109 -38.57 9.92 3.05
CA ILE B 109 -37.61 9.76 4.14
C ILE B 109 -36.19 9.54 3.61
N ILE B 110 -35.30 10.48 3.96
CA ILE B 110 -33.93 10.45 3.47
C ILE B 110 -32.99 9.82 4.49
N ILE B 111 -32.04 9.04 4.00
CA ILE B 111 -31.04 8.43 4.86
C ILE B 111 -29.68 9.08 4.61
N THR B 113 -25.91 9.23 5.50
CA THR B 113 -24.88 8.40 6.11
C THR B 113 -23.64 8.42 5.23
N ASP B 114 -22.48 8.27 5.84
CA ASP B 114 -21.23 8.25 5.10
C ASP B 114 -21.18 7.08 4.14
N ALA B 115 -20.35 7.20 3.10
CA ALA B 115 -20.24 6.18 2.07
C ALA B 115 -19.33 5.03 2.50
N ASP B 116 -18.34 5.34 3.33
CA ASP B 116 -17.40 4.35 3.83
C ASP B 116 -18.12 3.13 4.40
N VAL B 117 -17.44 1.99 4.38
CA VAL B 117 -18.06 0.75 4.86
C VAL B 117 -18.41 0.82 6.35
N ASP B 118 -17.52 1.42 7.15
CA ASP B 118 -17.70 1.50 8.59
C ASP B 118 -18.90 2.35 8.99
N GLY B 119 -19.02 3.51 8.37
CA GLY B 119 -20.08 4.44 8.70
C GLY B 119 -21.41 4.10 8.05
N SER B 120 -21.36 3.53 6.86
CA SER B 120 -22.56 3.26 6.07
C SER B 120 -23.39 2.11 6.63
N HIS B 121 -22.85 1.41 7.63
CA HIS B 121 -23.56 0.29 8.24
C HIS B 121 -24.97 0.69 8.70
N ILE B 122 -25.09 1.87 9.30
CA ILE B 122 -26.38 2.34 9.79
C ILE B 122 -27.41 2.42 8.66
N ARG B 123 -26.93 2.73 7.45
CA ARG B 123 -27.78 2.73 6.27
C ARG B 123 -28.23 1.31 5.95
N THR B 124 -27.28 0.39 5.95
CA THR B 124 -27.57 -1.01 5.66
C THR B 124 -28.59 -1.59 6.62
N LEU B 125 -28.41 -1.31 7.91
CA LEU B 125 -29.34 -1.79 8.94
C LEU B 125 -30.75 -1.27 8.70
N LEU B 126 -30.85 -0.06 8.17
CA LEU B 126 -32.16 0.52 7.85
C LEU B 126 -32.81 -0.17 6.65
N LEU B 127 -32.07 -0.28 5.56
CA LEU B 127 -32.59 -0.89 4.34
C LEU B 127 -33.02 -2.33 4.60
N THR B 128 -32.20 -3.06 5.36
CA THR B 128 -32.50 -4.46 5.66
C THR B 128 -33.68 -4.56 6.63
N PHE B 129 -33.80 -3.57 7.52
CA PHE B 129 -34.92 -3.54 8.44
C PHE B 129 -36.20 -3.16 7.71
N PHE B 130 -36.08 -2.24 6.77
CA PHE B 130 -37.21 -1.86 5.93
C PHE B 130 -37.71 -3.07 5.15
N TYR B 131 -36.86 -3.59 4.27
CA TYR B 131 -37.23 -4.74 3.45
C TYR B 131 -37.93 -5.84 4.25
N ARG B 132 -37.32 -6.20 5.38
CA ARG B 132 -37.87 -7.26 6.22
C ARG B 132 -39.17 -6.87 6.91
N GLN B 133 -39.10 -5.88 7.81
CA GLN B 133 -40.26 -5.50 8.62
C GLN B 133 -41.30 -4.70 7.85
N PRO B 135 -41.97 -4.02 3.97
CA PRO B 135 -41.65 -4.24 2.55
C PRO B 135 -42.22 -3.15 1.66
N GLU B 136 -43.47 -2.79 1.91
CA GLU B 136 -44.20 -1.89 1.00
C GLU B 136 -43.66 -0.46 0.96
N ILE B 137 -43.08 0.01 2.06
CA ILE B 137 -42.62 1.39 2.13
C ILE B 137 -41.48 1.67 1.14
N VAL B 138 -40.64 0.67 0.92
CA VAL B 138 -39.55 0.79 -0.05
C VAL B 138 -40.09 0.71 -1.47
N GLU B 139 -41.08 -0.16 -1.67
CA GLU B 139 -41.66 -0.38 -2.99
C GLU B 139 -42.40 0.84 -3.52
N ARG B 140 -42.98 1.61 -2.62
CA ARG B 140 -43.76 2.79 -3.00
C ARG B 140 -42.88 4.00 -3.29
N GLY B 141 -41.57 3.86 -3.10
CA GLY B 141 -40.63 4.91 -3.39
C GLY B 141 -40.60 6.02 -2.36
N HIS B 142 -40.77 5.66 -1.09
CA HIS B 142 -40.75 6.64 -0.01
C HIS B 142 -39.34 6.85 0.55
N VAL B 143 -38.48 5.85 0.39
CA VAL B 143 -37.13 5.90 0.93
C VAL B 143 -36.11 6.35 -0.09
N TYR B 144 -35.29 7.34 0.29
CA TYR B 144 -34.24 7.85 -0.58
C TYR B 144 -32.89 7.82 0.13
N ILE B 145 -31.83 8.13 -0.60
CA ILE B 145 -30.47 8.12 -0.06
C ILE B 145 -29.71 9.37 -0.48
N ALA B 146 -29.44 10.26 0.47
CA ALA B 146 -28.70 11.49 0.18
C ALA B 146 -27.35 11.20 -0.49
N GLN B 147 -26.98 12.02 -1.47
CA GLN B 147 -25.73 11.85 -2.17
C GLN B 147 -24.83 13.07 -1.99
N PRO B 148 -24.09 13.11 -0.88
CA PRO B 148 -23.12 14.20 -0.63
C PRO B 148 -22.04 14.22 -1.70
N PRO B 149 -21.58 15.43 -2.07
CA PRO B 149 -20.57 15.58 -3.13
C PRO B 149 -19.28 14.88 -2.72
N LEU B 150 -18.52 14.41 -3.69
CA LEU B 150 -17.23 13.78 -3.38
C LEU B 150 -16.12 14.83 -3.51
N TYR B 151 -16.45 15.95 -4.12
CA TYR B 151 -15.45 16.99 -4.36
C TYR B 151 -16.01 18.39 -4.19
N LYS B 152 -15.11 19.35 -4.06
CA LYS B 152 -15.48 20.76 -4.06
C LYS B 152 -14.38 21.52 -4.78
N VAL B 153 -14.63 21.88 -6.03
CA VAL B 153 -13.66 22.60 -6.83
C VAL B 153 -13.94 24.08 -6.75
N LYS B 154 -12.89 24.89 -6.66
CA LYS B 154 -13.05 26.35 -6.61
C LYS B 154 -11.96 27.07 -7.39
N LYS B 155 -12.37 27.81 -8.41
CA LYS B 155 -11.49 28.72 -9.14
C LYS B 155 -11.94 30.14 -8.89
N GLY B 156 -11.09 30.95 -8.28
CA GLY B 156 -11.46 32.30 -7.95
C GLY B 156 -12.72 32.33 -7.10
N LYS B 157 -13.65 33.21 -7.43
CA LYS B 157 -14.89 33.34 -6.67
C LYS B 157 -15.80 32.14 -6.90
N GLN B 158 -15.65 31.48 -8.04
CA GLN B 158 -16.49 30.34 -8.38
C GLN B 158 -16.17 29.11 -7.54
N GLU B 159 -17.20 28.45 -7.03
CA GLU B 159 -17.04 27.13 -6.44
C GLU B 159 -18.03 26.15 -7.06
N GLN B 160 -17.70 24.87 -7.01
CA GLN B 160 -18.49 23.84 -7.66
C GLN B 160 -18.52 22.58 -6.82
N TYR B 161 -19.68 21.94 -6.75
CA TYR B 161 -19.80 20.68 -6.02
C TYR B 161 -20.00 19.51 -6.99
N ILE B 162 -19.03 18.62 -7.02
CA ILE B 162 -19.05 17.50 -7.95
C ILE B 162 -19.43 16.18 -7.26
N LYS B 163 -20.44 15.50 -7.80
CA LYS B 163 -21.03 14.33 -7.17
C LYS B 163 -20.16 13.08 -7.27
N ASP B 164 -19.63 12.83 -8.44
CA ASP B 164 -19.00 11.53 -8.71
C ASP B 164 -17.57 11.68 -9.19
N ASP B 165 -16.88 10.53 -9.28
CA ASP B 165 -15.56 10.48 -9.86
C ASP B 165 -15.68 10.50 -11.39
N GLU B 166 -16.87 10.14 -11.87
CA GLU B 166 -17.17 10.21 -13.29
C GLU B 166 -17.45 11.65 -13.69
N ALA B 167 -18.17 12.35 -12.81
CA ALA B 167 -18.43 13.76 -13.01
C ALA B 167 -17.15 14.57 -12.80
N ASP B 169 -14.32 13.53 -13.70
CA ASP B 169 -13.58 13.33 -14.93
C ASP B 169 -14.15 14.23 -16.03
N GLN B 170 -15.47 14.28 -16.11
CA GLN B 170 -16.14 15.15 -17.07
C GLN B 170 -15.78 16.61 -16.86
N TYR B 171 -15.48 16.97 -15.61
CA TYR B 171 -15.14 18.35 -15.26
C TYR B 171 -13.72 18.71 -15.64
N GLN B 172 -12.80 17.76 -15.49
CA GLN B 172 -11.40 17.99 -15.83
C GLN B 172 -11.24 18.11 -17.34
N ILE B 173 -11.94 17.26 -18.07
CA ILE B 173 -11.91 17.31 -19.51
C ILE B 173 -12.45 18.65 -19.96
N SER B 174 -13.60 19.01 -19.42
CA SER B 174 -14.29 20.26 -19.75
C SER B 174 -13.37 21.46 -19.59
N ILE B 175 -12.77 21.60 -18.41
CA ILE B 175 -11.83 22.69 -18.18
C ILE B 175 -10.70 22.63 -19.19
N ALA B 176 -10.02 21.50 -19.26
CA ALA B 176 -8.89 21.31 -20.17
C ALA B 176 -9.20 21.76 -21.59
N LEU B 177 -10.37 21.39 -22.11
CA LEU B 177 -10.75 21.68 -23.48
C LEU B 177 -11.22 23.11 -23.72
N ASP B 178 -11.87 23.71 -22.72
CA ASP B 178 -12.41 25.05 -22.86
C ASP B 178 -11.36 26.07 -23.28
N GLY B 179 -11.53 26.63 -24.47
CA GLY B 179 -10.63 27.63 -25.00
C GLY B 179 -9.43 27.03 -25.69
N ALA B 180 -9.46 25.71 -25.86
CA ALA B 180 -8.35 24.98 -26.45
C ALA B 180 -8.55 24.68 -27.93
N THR B 181 -7.47 24.80 -28.70
CA THR B 181 -7.47 24.47 -30.11
C THR B 181 -6.11 23.90 -30.50
N LEU B 182 -6.13 22.82 -31.28
CA LEU B 182 -4.90 22.15 -31.69
C LEU B 182 -4.57 22.42 -33.14
N HIS B 183 -3.46 23.13 -33.39
CA HIS B 183 -3.05 23.46 -34.74
C HIS B 183 -2.06 22.47 -35.33
N THR B 184 -2.52 21.68 -36.29
CA THR B 184 -1.68 20.72 -36.98
C THR B 184 -1.46 21.17 -38.41
N ASN B 185 -0.56 20.51 -39.12
CA ASN B 185 -0.28 20.85 -40.51
C ASN B 185 -1.13 20.04 -41.47
N ALA B 186 -1.89 19.08 -40.93
CA ALA B 186 -2.71 18.19 -41.74
C ALA B 186 -3.87 18.92 -42.39
N SER B 187 -4.66 18.19 -43.18
CA SER B 187 -5.77 18.79 -43.90
C SER B 187 -6.60 19.76 -43.07
N ALA B 188 -6.62 19.54 -41.76
CA ALA B 188 -7.35 20.39 -40.83
C ALA B 188 -6.38 21.25 -40.01
N PRO B 189 -6.09 22.46 -40.50
CA PRO B 189 -5.15 23.38 -39.86
C PRO B 189 -5.42 23.55 -38.37
N ALA B 190 -6.68 23.73 -38.00
CA ALA B 190 -7.06 23.88 -36.59
C ALA B 190 -8.10 22.85 -36.17
N LEU B 191 -7.85 22.18 -35.05
CA LEU B 191 -8.77 21.17 -34.53
C LEU B 191 -9.28 21.56 -33.15
N ALA B 192 -10.58 21.82 -33.05
CA ALA B 192 -11.16 22.29 -31.80
C ALA B 192 -12.64 21.92 -31.67
N GLY B 193 -13.28 22.47 -30.65
CA GLY B 193 -14.69 22.25 -30.41
C GLY B 193 -15.12 20.80 -30.36
N GLU B 194 -16.22 20.49 -31.03
CA GLU B 194 -16.77 19.15 -31.05
C GLU B 194 -15.78 18.15 -31.63
N ALA B 195 -15.02 18.58 -32.62
CA ALA B 195 -14.05 17.72 -33.29
C ALA B 195 -12.95 17.28 -32.34
N LEU B 196 -12.41 18.23 -31.57
CA LEU B 196 -11.36 17.93 -30.61
C LEU B 196 -11.86 16.98 -29.52
N GLU B 197 -13.04 17.26 -28.99
CA GLU B 197 -13.65 16.40 -27.97
C GLU B 197 -13.69 14.95 -28.45
N LYS B 198 -14.01 14.77 -29.73
CA LYS B 198 -14.03 13.44 -30.33
C LYS B 198 -12.67 12.76 -30.22
N LEU B 199 -11.62 13.52 -30.53
CA LEU B 199 -10.26 13.01 -30.49
C LEU B 199 -9.85 12.69 -29.06
N VAL B 200 -9.97 13.69 -28.18
CA VAL B 200 -9.61 13.52 -26.78
C VAL B 200 -10.32 12.33 -26.16
N SER B 201 -11.59 12.15 -26.51
CA SER B 201 -12.37 11.03 -25.99
C SER B 201 -11.81 9.70 -26.48
N GLU B 202 -11.49 9.64 -27.78
CA GLU B 202 -10.95 8.41 -28.35
C GLU B 202 -9.59 8.10 -27.73
N TYR B 203 -8.74 9.12 -27.60
CA TYR B 203 -7.42 8.95 -27.02
C TYR B 203 -7.52 8.36 -25.60
N ASN B 204 -8.38 8.94 -24.78
CA ASN B 204 -8.56 8.47 -23.41
C ASN B 204 -9.21 7.08 -23.36
N ALA B 205 -10.14 6.84 -24.28
CA ALA B 205 -10.81 5.54 -24.35
C ALA B 205 -9.79 4.44 -24.58
N THR B 206 -8.79 4.74 -25.41
CA THR B 206 -7.74 3.78 -25.73
C THR B 206 -6.84 3.54 -24.52
N GLN B 207 -6.50 4.61 -23.81
CA GLN B 207 -5.65 4.52 -22.64
C GLN B 207 -6.36 3.78 -21.50
N LYS B 208 -7.68 3.87 -21.48
CA LYS B 208 -8.47 3.16 -20.49
C LYS B 208 -8.45 1.67 -20.79
N ILE B 210 -6.22 0.14 -22.53
CA ILE B 210 -4.84 -0.26 -22.27
C ILE B 210 -4.66 -0.69 -20.83
N ASN B 211 -5.18 0.11 -19.90
CA ASN B 211 -5.09 -0.20 -18.48
C ASN B 211 -5.99 -1.35 -18.08
N ARG B 212 -6.98 -1.65 -18.90
CA ARG B 212 -7.88 -2.78 -18.64
C ARG B 212 -7.29 -4.10 -19.15
N GLU B 214 -3.86 -4.47 -18.99
CA GLU B 214 -2.50 -4.21 -18.56
C GLU B 214 -1.78 -5.46 -18.05
N ARG B 215 -2.51 -6.33 -17.34
CA ARG B 215 -1.90 -7.53 -16.78
C ARG B 215 -1.47 -8.52 -17.88
N ARG B 216 -2.19 -8.50 -18.99
CA ARG B 216 -1.91 -9.41 -20.10
C ARG B 216 -0.70 -8.96 -20.91
N TYR B 217 -0.60 -7.65 -21.13
CA TYR B 217 0.52 -7.09 -21.88
C TYR B 217 1.04 -5.85 -21.18
N PRO B 218 2.35 -5.58 -21.30
CA PRO B 218 2.95 -4.41 -20.65
C PRO B 218 2.24 -3.14 -21.06
N LYS B 219 1.96 -2.25 -20.10
CA LYS B 219 1.29 -1.00 -20.41
C LYS B 219 2.14 -0.15 -21.35
N ALA B 220 3.45 -0.14 -21.09
CA ALA B 220 4.36 0.67 -21.86
C ALA B 220 4.42 0.26 -23.33
N LEU B 222 1.98 -1.41 -25.23
CA LEU B 222 0.73 -1.08 -25.91
C LEU B 222 0.67 0.40 -26.28
N LYS B 223 1.25 1.25 -25.43
CA LYS B 223 1.31 2.68 -25.70
C LYS B 223 2.13 2.98 -26.95
N GLU B 224 3.13 2.14 -27.21
CA GLU B 224 4.03 2.37 -28.34
C GLU B 224 3.49 1.77 -29.64
N LEU B 225 2.60 0.80 -29.53
CA LEU B 225 1.93 0.26 -30.70
C LEU B 225 1.08 1.34 -31.35
N ILE B 226 0.60 2.28 -30.53
CA ILE B 226 -0.18 3.41 -31.02
C ILE B 226 0.62 4.26 -32.00
N TYR B 227 1.89 4.47 -31.69
CA TYR B 227 2.74 5.31 -32.52
C TYR B 227 3.35 4.54 -33.69
N GLN B 228 3.68 3.27 -33.45
CA GLN B 228 4.27 2.43 -34.49
C GLN B 228 3.23 2.06 -35.55
N PRO B 229 3.67 1.93 -36.81
CA PRO B 229 2.80 1.53 -37.92
C PRO B 229 2.06 0.23 -37.61
N THR B 230 0.88 0.07 -38.20
CA THR B 230 0.06 -1.11 -37.94
C THR B 230 0.65 -2.36 -38.58
N LEU B 231 0.46 -3.49 -37.91
CA LEU B 231 0.85 -4.78 -38.48
C LEU B 231 -0.40 -5.45 -39.04
N THR B 232 -0.32 -5.89 -40.29
CA THR B 232 -1.47 -6.41 -41.01
C THR B 232 -1.45 -7.93 -41.10
N GLU B 233 -2.63 -8.55 -41.15
CA GLU B 233 -2.72 -9.98 -41.39
C GLU B 233 -1.88 -10.34 -42.61
N ALA B 234 -1.93 -9.49 -43.62
CA ALA B 234 -1.14 -9.67 -44.83
C ALA B 234 0.34 -9.45 -44.55
N ASP B 235 0.63 -8.52 -43.65
CA ASP B 235 2.01 -8.21 -43.28
C ASP B 235 2.68 -9.41 -42.61
N LEU B 236 1.91 -10.15 -41.82
CA LEU B 236 2.43 -11.31 -41.11
C LEU B 236 2.98 -12.37 -42.05
N SER B 237 2.34 -12.53 -43.20
CA SER B 237 2.76 -13.56 -44.17
C SER B 237 4.17 -13.30 -44.68
N ASP B 238 4.60 -12.04 -44.65
CA ASP B 238 5.97 -11.69 -45.02
C ASP B 238 6.83 -11.60 -43.77
N GLU B 239 8.03 -12.17 -43.83
CA GLU B 239 8.92 -12.21 -42.67
C GLU B 239 9.81 -10.97 -42.56
N GLN B 240 10.35 -10.52 -43.69
CA GLN B 240 11.27 -9.38 -43.70
C GLN B 240 10.62 -8.12 -43.12
N THR B 241 9.37 -7.86 -43.50
CA THR B 241 8.64 -6.70 -43.00
C THR B 241 8.32 -6.86 -41.52
N VAL B 242 7.91 -8.06 -41.13
CA VAL B 242 7.56 -8.37 -39.75
C VAL B 242 8.76 -8.19 -38.80
N THR B 243 9.92 -8.64 -39.25
CA THR B 243 11.13 -8.56 -38.42
C THR B 243 11.56 -7.13 -38.19
N ARG B 244 11.64 -6.35 -39.26
CA ARG B 244 12.03 -4.96 -39.18
C ARG B 244 11.04 -4.15 -38.33
N TRP B 245 9.78 -4.57 -38.35
CA TRP B 245 8.74 -3.90 -37.58
C TRP B 245 8.96 -4.08 -36.10
N VAL B 246 8.99 -5.32 -35.65
CA VAL B 246 9.19 -5.62 -34.24
C VAL B 246 10.56 -5.14 -33.76
N ASN B 247 11.48 -4.93 -34.69
CA ASN B 247 12.78 -4.37 -34.37
C ASN B 247 12.64 -2.87 -34.09
N ALA B 248 11.83 -2.20 -34.90
CA ALA B 248 11.58 -0.78 -34.72
C ALA B 248 10.86 -0.55 -33.39
N LEU B 249 9.89 -1.40 -33.09
CA LEU B 249 9.13 -1.33 -31.85
C LEU B 249 10.08 -1.38 -30.65
N VAL B 250 10.72 -2.54 -30.47
CA VAL B 250 11.65 -2.77 -29.38
C VAL B 250 12.73 -1.70 -29.29
N SER B 251 13.26 -1.29 -30.45
CA SER B 251 14.32 -0.28 -30.48
C SER B 251 13.83 1.02 -29.86
N GLU B 252 12.54 1.28 -29.98
CA GLU B 252 11.95 2.49 -29.41
C GLU B 252 11.78 2.37 -27.90
N LEU B 253 11.12 1.30 -27.48
CA LEU B 253 10.88 1.03 -26.06
C LEU B 253 12.17 1.16 -25.22
N ASN B 254 13.27 0.67 -25.76
CA ASN B 254 14.55 0.70 -25.05
C ASN B 254 15.09 2.13 -24.87
N ASP B 255 14.99 2.94 -25.91
CA ASP B 255 15.47 4.32 -25.85
C ASP B 255 14.61 5.17 -24.92
N LYS B 256 13.34 4.81 -24.80
CA LYS B 256 12.40 5.56 -23.98
C LYS B 256 12.43 5.11 -22.51
N GLU B 257 12.84 3.87 -22.29
CA GLU B 257 12.81 3.29 -20.95
C GLU B 257 13.67 4.07 -19.95
N GLN B 258 13.03 4.55 -18.89
CA GLN B 258 13.73 5.24 -17.82
C GLN B 258 14.02 4.28 -16.67
N HIS B 259 13.11 3.34 -16.48
CA HIS B 259 13.29 2.31 -15.45
C HIS B 259 14.33 1.30 -15.91
N GLY B 260 14.67 0.35 -15.03
CA GLY B 260 15.69 -0.63 -15.33
C GLY B 260 15.15 -1.85 -16.06
N SER B 261 14.70 -1.64 -17.29
CA SER B 261 14.10 -2.72 -18.06
C SER B 261 14.81 -2.92 -19.42
N GLN B 262 14.78 -4.14 -19.92
CA GLN B 262 15.43 -4.47 -21.18
C GLN B 262 14.46 -5.12 -22.16
N TRP B 263 14.28 -4.48 -23.31
CA TRP B 263 13.39 -5.00 -24.35
C TRP B 263 14.17 -5.74 -25.44
N LYS B 264 13.60 -6.83 -25.92
CA LYS B 264 14.19 -7.60 -27.02
C LYS B 264 13.11 -8.16 -27.93
N PHE B 265 13.48 -8.46 -29.17
CA PHE B 265 12.50 -8.99 -30.13
C PHE B 265 12.90 -10.35 -30.69
N ASP B 266 11.89 -11.15 -31.02
CA ASP B 266 12.09 -12.46 -31.63
C ASP B 266 10.89 -12.75 -32.52
N VAL B 267 11.13 -13.42 -33.64
CA VAL B 267 10.05 -13.78 -34.56
C VAL B 267 9.89 -15.29 -34.63
N HIS B 268 8.69 -15.77 -34.30
CA HIS B 268 8.41 -17.19 -34.38
C HIS B 268 7.87 -17.56 -35.75
N THR B 269 8.41 -18.64 -36.31
CA THR B 269 8.00 -19.11 -37.63
C THR B 269 6.92 -20.17 -37.50
N ASN B 270 5.77 -19.92 -38.13
CA ASN B 270 4.63 -20.81 -38.02
C ASN B 270 4.18 -21.35 -39.37
N ALA B 271 4.32 -22.65 -39.57
CA ALA B 271 3.93 -23.29 -40.81
C ALA B 271 2.42 -23.47 -40.91
N LEU B 275 2.87 -17.80 -42.11
CA LEU B 275 2.42 -17.11 -40.91
C LEU B 275 3.59 -16.81 -39.99
N PHE B 276 4.01 -15.54 -39.97
CA PHE B 276 5.10 -15.11 -39.09
C PHE B 276 4.56 -14.28 -37.93
N GLU B 277 4.98 -14.62 -36.72
CA GLU B 277 4.45 -13.97 -35.52
C GLU B 277 5.54 -13.36 -34.64
N PRO B 278 5.47 -12.04 -34.44
CA PRO B 278 6.45 -11.30 -33.63
C PRO B 278 6.34 -11.65 -32.15
N ILE B 279 7.43 -11.48 -31.42
CA ILE B 279 7.48 -11.76 -29.99
C ILE B 279 8.34 -10.72 -29.30
N VAL B 280 7.80 -10.12 -28.25
CA VAL B 280 8.54 -9.09 -27.51
C VAL B 280 8.93 -9.59 -26.12
N ARG B 281 10.22 -9.80 -25.91
CA ARG B 281 10.72 -10.24 -24.61
C ARG B 281 11.24 -9.05 -23.83
N VAL B 282 10.82 -8.93 -22.57
CA VAL B 282 11.27 -7.85 -21.71
C VAL B 282 11.90 -8.37 -20.42
N ARG B 283 13.11 -7.91 -20.14
CA ARG B 283 13.83 -8.29 -18.93
C ARG B 283 13.59 -7.28 -17.83
N THR B 284 12.66 -7.60 -16.93
CA THR B 284 12.39 -6.76 -15.78
C THR B 284 11.69 -7.56 -14.68
N HIS B 285 12.20 -7.44 -13.45
CA HIS B 285 13.34 -6.58 -13.18
C HIS B 285 14.65 -7.28 -13.54
N GLY B 286 14.88 -8.44 -12.93
CA GLY B 286 15.99 -9.29 -13.31
C GLY B 286 15.46 -10.47 -14.08
N VAL B 287 14.14 -10.59 -14.10
CA VAL B 287 13.47 -11.68 -14.78
C VAL B 287 12.87 -11.23 -16.10
N ASP B 288 13.12 -12.00 -17.16
CA ASP B 288 12.61 -11.67 -18.48
C ASP B 288 11.35 -12.46 -18.84
N THR B 289 10.32 -11.74 -19.26
CA THR B 289 9.10 -12.37 -19.77
C THR B 289 8.96 -12.05 -21.25
N ASP B 290 8.34 -12.95 -22.01
CA ASP B 290 8.12 -12.69 -23.43
C ASP B 290 6.65 -12.64 -23.80
N TYR B 291 6.31 -11.70 -24.67
CA TYR B 291 4.92 -11.51 -25.09
C TYR B 291 4.74 -11.77 -26.58
N PRO B 292 3.92 -12.78 -26.92
CA PRO B 292 3.62 -13.15 -28.31
C PRO B 292 2.54 -12.27 -28.91
N LEU B 293 2.79 -11.72 -30.09
CA LEU B 293 1.76 -11.00 -30.83
C LEU B 293 1.02 -11.98 -31.76
N ASP B 294 0.13 -12.77 -31.18
CA ASP B 294 -0.58 -13.82 -31.89
C ASP B 294 -1.34 -13.29 -33.09
N HIS B 295 -1.65 -14.19 -34.01
CA HIS B 295 -2.49 -13.87 -35.15
C HIS B 295 -3.81 -13.32 -34.65
N GLU B 296 -4.26 -13.82 -33.49
CA GLU B 296 -5.45 -13.31 -32.83
C GLU B 296 -5.28 -11.87 -32.42
N PHE B 297 -4.14 -11.56 -31.82
CA PHE B 297 -3.86 -10.20 -31.36
C PHE B 297 -3.98 -9.19 -32.48
N ILE B 298 -3.28 -9.42 -33.58
CA ILE B 298 -3.32 -8.52 -34.73
C ILE B 298 -4.72 -8.47 -35.33
N THR B 299 -5.47 -9.56 -35.17
CA THR B 299 -6.84 -9.63 -35.66
C THR B 299 -7.81 -9.03 -34.65
N GLY B 300 -7.42 -9.03 -33.38
CA GLY B 300 -8.27 -8.57 -32.30
C GLY B 300 -8.71 -7.12 -32.41
N GLY B 301 -9.91 -6.86 -31.94
CA GLY B 301 -10.46 -5.51 -31.94
C GLY B 301 -9.63 -4.58 -31.07
N GLU B 302 -9.02 -5.14 -30.04
CA GLU B 302 -8.20 -4.35 -29.12
C GLU B 302 -7.03 -3.69 -29.83
N TYR B 303 -6.32 -4.44 -30.66
CA TYR B 303 -5.19 -3.88 -31.41
C TYR B 303 -5.67 -2.98 -32.55
N ARG B 304 -6.92 -3.17 -32.97
CA ARG B 304 -7.51 -2.33 -34.02
C ARG B 304 -7.80 -0.93 -33.50
N ARG B 305 -8.36 -0.86 -32.30
CA ARG B 305 -8.66 0.42 -31.66
C ARG B 305 -7.37 1.20 -31.40
N ILE B 306 -6.27 0.47 -31.23
CA ILE B 306 -4.96 1.08 -31.05
C ILE B 306 -4.45 1.66 -32.36
N CYS B 307 -4.64 0.90 -33.44
CA CYS B 307 -4.22 1.33 -34.77
C CYS B 307 -5.05 2.52 -35.26
N THR B 308 -6.37 2.39 -35.19
CA THR B 308 -7.25 3.47 -35.60
C THR B 308 -6.85 4.79 -34.93
N LEU B 309 -6.59 4.71 -33.63
CA LEU B 309 -6.13 5.89 -32.88
C LEU B 309 -4.83 6.41 -33.48
N GLY B 310 -3.88 5.51 -33.69
CA GLY B 310 -2.61 5.87 -34.29
C GLY B 310 -2.80 6.41 -35.69
N GLU B 311 -3.75 5.83 -36.43
CA GLU B 311 -4.03 6.28 -37.79
C GLU B 311 -4.50 7.72 -37.79
N LYS B 312 -5.44 8.05 -36.92
CA LYS B 312 -5.92 9.41 -36.79
C LYS B 312 -4.78 10.33 -36.34
N LEU B 313 -4.09 9.92 -35.28
CA LEU B 313 -2.96 10.69 -34.75
C LEU B 313 -1.88 10.93 -35.80
N ARG B 314 -1.51 9.89 -36.54
CA ARG B 314 -0.50 10.01 -37.58
C ARG B 314 -1.01 10.82 -38.77
N GLY B 315 -2.32 10.78 -39.00
CA GLY B 315 -2.92 11.57 -40.05
C GLY B 315 -2.94 13.04 -39.71
N LEU B 316 -2.99 13.34 -38.41
CA LEU B 316 -3.04 14.71 -37.94
C LEU B 316 -1.64 15.30 -37.75
N LEU B 317 -0.62 14.59 -38.21
CA LEU B 317 0.76 15.06 -38.12
C LEU B 317 1.09 15.54 -36.71
N GLU B 318 0.63 14.78 -35.72
CA GLU B 318 0.74 15.18 -34.31
C GLU B 318 2.16 15.58 -33.90
N GLU B 319 3.15 14.85 -34.39
CA GLU B 319 4.54 15.09 -34.00
C GLU B 319 4.92 16.56 -34.04
N ASP B 320 4.56 17.23 -35.13
CA ASP B 320 4.78 18.67 -35.24
C ASP B 320 3.45 19.41 -35.12
N ALA B 321 3.31 20.26 -34.10
CA ALA B 321 2.05 20.96 -33.86
C ALA B 321 2.15 22.06 -32.82
N PHE B 322 1.06 22.82 -32.68
CA PHE B 322 0.93 23.86 -31.67
C PHE B 322 -0.37 23.64 -30.91
N ILE B 323 -0.36 23.86 -29.60
CA ILE B 323 -1.59 23.82 -28.82
C ILE B 323 -1.79 25.07 -27.97
N GLU B 324 -2.96 25.69 -28.12
CA GLU B 324 -3.29 26.88 -27.36
C GLU B 324 -4.53 26.69 -26.50
N ARG B 325 -4.40 27.01 -25.22
CA ARG B 325 -5.53 27.05 -24.30
C ARG B 325 -5.69 27.99 -23.11
N GLY B 326 -6.23 29.17 -23.37
CA GLY B 326 -6.50 29.63 -24.72
C GLY B 326 -5.81 30.92 -25.10
N GLU B 327 -5.36 31.63 -24.06
CA GLU B 327 -4.60 32.85 -24.21
C GLU B 327 -3.21 32.59 -24.77
N ARG B 328 -2.57 31.55 -24.24
CA ARG B 328 -1.21 31.21 -24.62
C ARG B 328 -1.14 29.87 -25.34
N ARG B 329 0.02 29.57 -25.92
CA ARG B 329 0.24 28.26 -26.52
C ARG B 329 1.69 27.81 -26.45
N GLN B 330 1.90 26.51 -26.64
CA GLN B 330 3.24 25.93 -26.63
C GLN B 330 3.33 24.75 -27.59
N PRO B 331 4.39 24.70 -28.42
CA PRO B 331 4.62 23.61 -29.38
C PRO B 331 4.75 22.27 -28.67
N VAL B 332 4.15 21.24 -29.26
CA VAL B 332 4.17 19.91 -28.66
C VAL B 332 4.73 18.88 -29.63
N ALA B 333 5.48 17.92 -29.11
CA ALA B 333 6.09 16.88 -29.94
C ALA B 333 5.13 15.71 -30.12
N SER B 334 4.13 15.63 -29.25
CA SER B 334 3.15 14.56 -29.31
C SER B 334 1.77 15.10 -28.95
N PHE B 335 0.72 14.34 -29.29
CA PHE B 335 -0.63 14.73 -28.93
C PHE B 335 -0.86 14.61 -27.43
N GLU B 336 -0.27 13.58 -26.82
CA GLU B 336 -0.40 13.37 -25.38
C GLU B 336 0.33 14.47 -24.62
N GLN B 337 1.42 14.96 -25.22
CA GLN B 337 2.19 16.05 -24.65
C GLN B 337 1.36 17.33 -24.69
N ALA B 338 0.44 17.39 -25.64
CA ALA B 338 -0.46 18.53 -25.77
C ALA B 338 -1.59 18.42 -24.75
N LEU B 339 -2.04 17.19 -24.50
CA LEU B 339 -3.11 16.94 -23.55
C LEU B 339 -2.63 17.12 -22.12
N ASP B 340 -1.39 16.70 -21.86
CA ASP B 340 -0.80 16.90 -20.53
C ASP B 340 -0.73 18.38 -20.25
N TRP B 341 -0.41 19.16 -21.28
CA TRP B 341 -0.28 20.60 -21.15
C TRP B 341 -1.62 21.27 -20.90
N LEU B 342 -2.66 20.79 -21.58
CA LEU B 342 -4.01 21.28 -21.34
C LEU B 342 -4.38 21.14 -19.87
N VAL B 343 -4.16 19.95 -19.33
CA VAL B 343 -4.50 19.66 -17.94
C VAL B 343 -3.65 20.48 -16.96
N LYS B 344 -2.40 20.75 -17.33
CA LYS B 344 -1.53 21.56 -16.49
C LYS B 344 -2.04 22.99 -16.41
N GLU B 345 -2.72 23.43 -17.46
CA GLU B 345 -3.30 24.76 -17.50
C GLU B 345 -4.58 24.79 -16.67
N SER B 346 -5.49 23.87 -16.98
CA SER B 346 -6.78 23.80 -16.32
C SER B 346 -6.69 23.78 -14.79
N ARG B 347 -5.64 23.14 -14.27
CA ARG B 347 -5.49 22.96 -12.83
C ARG B 347 -4.68 24.07 -12.17
N ARG B 348 -4.11 24.96 -12.97
CA ARG B 348 -3.14 25.94 -12.47
C ARG B 348 -3.59 26.72 -11.24
N GLY B 349 -4.81 27.24 -11.26
CA GLY B 349 -5.28 28.08 -10.18
C GLY B 349 -6.41 27.52 -9.33
N LEU B 350 -6.79 26.27 -9.57
CA LEU B 350 -7.91 25.70 -8.85
C LEU B 350 -7.48 24.81 -7.69
N SER B 351 -8.38 24.64 -6.73
CA SER B 351 -8.15 23.76 -5.59
C SER B 351 -9.24 22.70 -5.55
N ILE B 352 -8.91 21.52 -5.07
CA ILE B 352 -9.87 20.42 -5.02
C ILE B 352 -9.93 19.78 -3.65
N GLN B 353 -11.09 19.81 -3.02
CA GLN B 353 -11.29 19.20 -1.72
C GLN B 353 -12.17 17.96 -1.81
N ARG B 354 -11.65 16.82 -1.35
CA ARG B 354 -12.43 15.60 -1.35
C ARG B 354 -13.06 15.38 0.02
N TYR B 355 -14.34 15.02 0.02
CA TYR B 355 -15.05 14.71 1.25
C TYR B 355 -15.04 13.21 1.53
N LYS B 356 -14.78 12.85 2.78
CA LYS B 356 -14.81 11.46 3.19
C LYS B 356 -15.96 11.21 4.16
N GLY B 357 -16.42 12.27 4.80
CA GLY B 357 -17.51 12.14 5.76
C GLY B 357 -18.35 13.41 5.84
N LEU B 358 -19.61 13.25 6.24
CA LEU B 358 -20.52 14.38 6.38
C LEU B 358 -20.01 15.38 7.39
N GLY B 359 -19.48 14.87 8.50
CA GLY B 359 -19.04 15.72 9.60
C GLY B 359 -17.90 16.65 9.24
N GLU B 360 -17.37 16.50 8.03
CA GLU B 360 -16.27 17.34 7.58
C GLU B 360 -16.72 18.75 7.23
N ASN B 362 -19.53 22.17 7.67
CA ASN B 362 -20.42 22.92 8.55
C ASN B 362 -21.88 22.72 8.19
N PRO B 363 -22.79 23.04 9.12
CA PRO B 363 -24.24 22.95 8.90
C PRO B 363 -24.69 23.73 7.66
N GLU B 364 -24.15 24.93 7.49
CA GLU B 364 -24.45 25.74 6.31
C GLU B 364 -24.01 25.00 5.04
N GLN B 365 -22.78 24.51 5.05
CA GLN B 365 -22.22 23.79 3.92
C GLN B 365 -23.01 22.51 3.67
N LEU B 366 -23.41 21.85 4.75
CA LEU B 366 -24.21 20.64 4.65
C LEU B 366 -25.54 20.95 4.00
N TRP B 367 -26.07 22.14 4.27
CA TRP B 367 -27.32 22.58 3.67
C TRP B 367 -27.18 22.73 2.16
N GLU B 368 -26.17 23.50 1.75
CA GLU B 368 -25.96 23.83 0.34
C GLU B 368 -25.67 22.61 -0.53
N THR B 369 -25.23 21.53 0.11
CA THR B 369 -24.77 20.35 -0.63
C THR B 369 -25.77 19.20 -0.61
N THR B 370 -26.37 18.94 0.55
CA THR B 370 -27.09 17.70 0.74
C THR B 370 -28.59 17.82 0.99
N ASP B 372 -30.51 21.11 0.69
CA ASP B 372 -31.17 22.21 -0.03
C ASP B 372 -31.83 21.63 -1.27
N PRO B 373 -33.17 21.68 -1.33
CA PRO B 373 -33.94 21.10 -2.44
C PRO B 373 -33.33 21.36 -3.81
N GLU B 374 -33.03 22.62 -4.11
CA GLU B 374 -32.48 22.97 -5.42
C GLU B 374 -31.10 22.37 -5.65
N SER B 375 -30.23 22.50 -4.64
CA SER B 375 -28.86 22.03 -4.76
C SER B 375 -28.76 20.51 -4.64
N ARG B 376 -29.46 19.95 -3.65
CA ARG B 376 -29.28 18.55 -3.29
C ARG B 376 -29.44 17.60 -4.46
N ARG B 377 -28.77 16.46 -4.36
CA ARG B 377 -28.81 15.44 -5.38
C ARG B 377 -29.14 14.09 -4.75
N LEU B 379 -31.12 10.21 -4.22
CA LEU B 379 -31.22 8.96 -4.96
C LEU B 379 -32.21 7.99 -4.31
N ARG B 380 -33.30 7.69 -5.01
CA ARG B 380 -34.31 6.77 -4.49
C ARG B 380 -33.84 5.32 -4.50
N VAL B 381 -34.25 4.55 -3.51
CA VAL B 381 -33.86 3.15 -3.41
C VAL B 381 -34.94 2.23 -3.93
N THR B 382 -34.52 1.21 -4.67
CA THR B 382 -35.42 0.21 -5.23
C THR B 382 -35.54 -0.98 -4.29
N VAL B 383 -36.63 -1.74 -4.44
CA VAL B 383 -36.84 -2.94 -3.65
C VAL B 383 -35.71 -3.94 -3.89
N LYS B 384 -35.02 -3.76 -5.01
CA LYS B 384 -33.89 -4.60 -5.38
C LYS B 384 -32.62 -4.18 -4.63
N ASP B 385 -32.58 -2.91 -4.22
CA ASP B 385 -31.47 -2.38 -3.44
C ASP B 385 -31.62 -2.73 -1.96
N ALA B 386 -32.86 -2.70 -1.47
CA ALA B 386 -33.14 -3.10 -0.10
C ALA B 386 -32.88 -4.60 0.04
N ILE B 387 -33.16 -5.34 -1.03
CA ILE B 387 -32.88 -6.77 -1.07
C ILE B 387 -31.39 -7.04 -0.89
N ALA B 388 -30.57 -6.26 -1.58
CA ALA B 388 -29.12 -6.41 -1.51
C ALA B 388 -28.57 -5.97 -0.15
N ALA B 389 -29.28 -5.05 0.50
CA ALA B 389 -28.87 -4.56 1.81
C ALA B 389 -29.25 -5.58 2.89
N ASP B 390 -30.30 -6.35 2.63
CA ASP B 390 -30.69 -7.44 3.52
C ASP B 390 -29.66 -8.55 3.40
N GLN B 391 -29.27 -8.85 2.18
CA GLN B 391 -28.27 -9.88 1.91
C GLN B 391 -26.93 -9.55 2.57
N LEU B 392 -26.50 -8.30 2.41
CA LEU B 392 -25.22 -7.86 2.98
C LEU B 392 -25.20 -8.00 4.49
N PHE B 393 -26.27 -7.55 5.15
CA PHE B 393 -26.39 -7.68 6.59
C PHE B 393 -26.26 -9.13 7.00
N THR B 394 -26.96 -10.02 6.29
CA THR B 394 -26.91 -11.44 6.58
C THR B 394 -25.52 -12.01 6.33
N THR B 395 -24.85 -11.52 5.29
CA THR B 395 -23.50 -11.98 4.96
C THR B 395 -22.53 -11.70 6.10
N LEU B 396 -22.59 -10.48 6.63
CA LEU B 396 -21.75 -10.11 7.77
C LEU B 396 -22.11 -10.97 8.97
N GLY B 398 -22.39 -14.14 9.76
CA GLY B 398 -22.07 -15.51 9.45
C GLY B 398 -22.98 -16.47 10.17
N ASP B 399 -23.27 -16.17 11.43
CA ASP B 399 -24.17 -16.97 12.24
C ASP B 399 -24.87 -16.10 13.29
N ALA B 400 -26.11 -16.45 13.61
CA ALA B 400 -26.89 -15.71 14.60
C ALA B 400 -27.88 -16.61 15.31
#